data_8EZ1
#
_entry.id   8EZ1
#
_cell.length_a   202.170
_cell.length_b   110.290
_cell.length_c   57.120
_cell.angle_alpha   90.000
_cell.angle_beta   103.720
_cell.angle_gamma   90.000
#
_symmetry.space_group_name_H-M   'C 1 2 1'
#
loop_
_entity.id
_entity.type
_entity.pdbx_description
1 polymer 'Ornithine aminotransferase, mitochondrial'
2 non-polymer '(3E,4E)-4-({3-hydroxy-2-methyl-5-[(phosphonooxy)methyl]pyridin-4-yl}methylidene)-3-iminocyclopent-1-ene-1-carboxylic acid'
3 non-polymer '(1R,3S,4Z)-3-({3-hydroxy-2-methyl-5-[(phosphonooxy)methyl]pyridin-4-yl}methyl)-4-iminocyclopentane-1-carboxylic acid'
4 water water
#
_entity_poly.entity_id   1
_entity_poly.type   'polypeptide(L)'
_entity_poly.pdbx_seq_one_letter_code
;GPPTSDDIFEREYKYGAHNYHPLPVALERGKGIYLWDVEGRKYFDFLSSYSAVNQGHCHPKIVNALKSQVDKLTLTSRAF
YNNVLGEYEEYITKLFNYHKVLPMNTGVEAGETACKLARKWGYTVKGIQKYKAKIVFAAGNFWGRTLSAISSSTDPTSYD
GFGPFMPGFDIIPYNDLPALERALQDPNVAAFMVEPIQGEAGVVVPDPGYLMGVRELCTRHQVLFIADEIQTGLARTGRW
LAVDYENVRPDIVLLGKALSGGLYPVSAVLCDDDIMLTIKPGEHGSTYGGNPLGCRVAIAALEVLEEENLAENADKLGII
LRNELMKLPSDVVTAVRGKGLLNAIVIKETKDWDAWKVCLRLRDNGLLAKPTHGDIIRFAPPLVIKEDELRESIEIINKT
ILSF
;
_entity_poly.pdbx_strand_id   A,B,C
#
loop_
_chem_comp.id
_chem_comp.type
_chem_comp.name
_chem_comp.formula
X8B non-polymer '(3E,4E)-4-({3-hydroxy-2-methyl-5-[(phosphonooxy)methyl]pyridin-4-yl}methylidene)-3-iminocyclopent-1-ene-1-carboxylic acid' 'C14 H15 N2 O7 P'
X8H non-polymer '(1R,3S,4Z)-3-({3-hydroxy-2-methyl-5-[(phosphonooxy)methyl]pyridin-4-yl}methyl)-4-iminocyclopentane-1-carboxylic acid' 'C14 H19 N2 O7 P'
#
# COMPACT_ATOMS: atom_id res chain seq x y z
N PRO A 3 12.60 -33.07 -14.69
CA PRO A 3 12.23 -31.66 -14.76
C PRO A 3 10.71 -31.50 -14.81
N THR A 4 10.01 -32.07 -13.83
CA THR A 4 8.55 -32.09 -13.81
C THR A 4 8.01 -30.92 -13.01
N SER A 5 6.68 -30.75 -13.05
CA SER A 5 6.09 -29.60 -12.36
C SER A 5 6.34 -29.68 -10.85
N ASP A 6 6.28 -30.89 -10.28
CA ASP A 6 6.46 -31.06 -8.85
C ASP A 6 7.92 -30.87 -8.43
N ASP A 7 8.87 -31.32 -9.27
CA ASP A 7 10.28 -30.96 -9.07
C ASP A 7 10.44 -29.45 -8.95
N ILE A 8 9.73 -28.73 -9.82
CA ILE A 8 9.89 -27.29 -9.87
C ILE A 8 9.33 -26.64 -8.60
N PHE A 9 8.10 -27.01 -8.24
CA PHE A 9 7.52 -26.54 -7.00
C PHE A 9 8.48 -26.81 -5.83
N GLU A 10 9.00 -28.04 -5.75
CA GLU A 10 9.80 -28.45 -4.59
C GLU A 10 11.10 -27.67 -4.51
N ARG A 11 11.79 -27.53 -5.64
CA ARG A 11 13.03 -26.76 -5.63
C ARG A 11 12.79 -25.33 -5.16
N GLU A 12 11.75 -24.68 -5.70
CA GLU A 12 11.50 -23.30 -5.27
C GLU A 12 11.12 -23.23 -3.80
N TYR A 13 10.39 -24.23 -3.31
CA TYR A 13 10.12 -24.26 -1.88
C TYR A 13 11.43 -24.33 -1.07
N LYS A 14 12.42 -25.07 -1.58
CA LYS A 14 13.65 -25.29 -0.81
C LYS A 14 14.53 -24.04 -0.78
N TYR A 15 14.74 -23.39 -1.93
CA TYR A 15 15.82 -22.41 -2.05
C TYR A 15 15.35 -20.99 -2.28
N GLY A 16 14.06 -20.76 -2.46
CA GLY A 16 13.52 -19.43 -2.73
C GLY A 16 12.76 -18.95 -1.51
N ALA A 17 12.76 -17.63 -1.30
CA ALA A 17 11.88 -17.05 -0.29
C ALA A 17 10.42 -17.45 -0.53
N HIS A 18 9.63 -17.51 0.55
CA HIS A 18 8.22 -17.87 0.45
C HIS A 18 7.30 -16.63 0.44
N ASN A 19 7.66 -15.57 -0.28
CA ASN A 19 6.85 -14.36 -0.30
C ASN A 19 5.70 -14.40 -1.32
N TYR A 20 5.64 -15.40 -2.20
CA TYR A 20 4.47 -15.65 -3.04
C TYR A 20 3.92 -17.04 -2.74
N HIS A 21 2.60 -17.20 -2.90
CA HIS A 21 2.01 -18.54 -2.98
C HIS A 21 1.40 -18.70 -4.37
N PRO A 22 2.17 -19.17 -5.34
CA PRO A 22 1.70 -19.15 -6.73
C PRO A 22 0.70 -20.25 -7.04
N LEU A 23 -0.13 -19.97 -8.07
CA LEU A 23 -0.95 -21.02 -8.65
C LEU A 23 -0.04 -22.18 -9.06
N PRO A 24 -0.31 -23.40 -8.62
CA PRO A 24 0.58 -24.53 -9.00
C PRO A 24 0.54 -24.85 -10.50
N VAL A 25 1.28 -24.07 -11.29
CA VAL A 25 1.53 -24.41 -12.69
C VAL A 25 2.95 -23.97 -13.02
N ALA A 26 3.65 -24.77 -13.82
CA ALA A 26 5.09 -24.64 -14.00
C ALA A 26 5.38 -24.35 -15.46
N LEU A 27 5.51 -23.08 -15.83
CA LEU A 27 5.60 -22.74 -17.25
C LEU A 27 7.03 -22.75 -17.76
N GLU A 28 7.19 -23.10 -19.02
CA GLU A 28 8.49 -23.00 -19.64
C GLU A 28 8.49 -22.30 -20.97
N ARG A 29 7.33 -21.96 -21.53
CA ARG A 29 7.37 -21.24 -22.80
C ARG A 29 6.15 -20.34 -22.90
N GLY A 30 6.31 -19.22 -23.59
CA GLY A 30 5.16 -18.39 -23.84
C GLY A 30 5.27 -17.79 -25.20
N LYS A 31 4.14 -17.68 -25.89
CA LYS A 31 4.07 -17.05 -27.21
C LYS A 31 2.68 -16.43 -27.36
N GLY A 32 2.65 -15.11 -27.52
CA GLY A 32 1.38 -14.42 -27.63
C GLY A 32 0.50 -14.56 -26.40
N ILE A 33 -0.72 -15.01 -26.64
CA ILE A 33 -1.67 -15.23 -25.56
C ILE A 33 -1.46 -16.54 -24.84
N TYR A 34 -0.52 -17.39 -25.26
CA TYR A 34 -0.38 -18.76 -24.76
C TYR A 34 0.87 -18.99 -23.90
N LEU A 35 0.72 -19.92 -22.96
CA LEU A 35 1.81 -20.43 -22.13
C LEU A 35 1.81 -21.96 -22.19
N TRP A 36 3.00 -22.54 -22.12
CA TRP A 36 3.18 -23.98 -22.14
C TRP A 36 3.93 -24.35 -20.88
N ASP A 37 3.44 -25.36 -20.18
CA ASP A 37 4.11 -25.85 -18.99
C ASP A 37 5.09 -26.96 -19.35
N VAL A 38 5.86 -27.41 -18.35
CA VAL A 38 6.95 -28.35 -18.59
C VAL A 38 6.43 -29.73 -19.00
N GLU A 39 5.14 -29.99 -18.82
CA GLU A 39 4.56 -31.23 -19.33
C GLU A 39 4.00 -31.06 -20.75
N GLY A 40 4.14 -29.87 -21.36
CA GLY A 40 3.65 -29.65 -22.71
C GLY A 40 2.22 -29.16 -22.80
N ARG A 41 1.57 -28.89 -21.68
CA ARG A 41 0.18 -28.47 -21.67
C ARG A 41 0.08 -26.99 -22.00
N LYS A 42 -0.97 -26.63 -22.74
CA LYS A 42 -1.12 -25.29 -23.30
C LYS A 42 -2.22 -24.54 -22.56
N TYR A 43 -1.99 -23.28 -22.24
CA TYR A 43 -2.94 -22.47 -21.49
C TYR A 43 -3.11 -21.11 -22.14
N PHE A 44 -4.33 -20.57 -22.06
CA PHE A 44 -4.54 -19.13 -22.24
C PHE A 44 -3.99 -18.39 -21.00
N ASP A 45 -3.21 -17.34 -21.21
CA ASP A 45 -2.71 -16.50 -20.11
C ASP A 45 -3.69 -15.35 -19.91
N PHE A 46 -4.45 -15.39 -18.80
CA PHE A 46 -5.44 -14.36 -18.47
C PHE A 46 -5.02 -13.54 -17.26
N LEU A 47 -3.72 -13.48 -17.03
CA LEU A 47 -3.16 -12.56 -16.05
C LEU A 47 -2.19 -11.57 -16.67
N SER A 48 -1.47 -11.99 -17.73
CA SER A 48 -0.53 -11.14 -18.48
C SER A 48 0.57 -10.55 -17.62
N SER A 49 1.05 -11.32 -16.63
CA SER A 49 2.04 -10.78 -15.67
C SER A 49 1.60 -9.43 -15.09
N TYR A 50 0.33 -9.35 -14.66
CA TYR A 50 -0.27 -8.11 -14.14
C TYR A 50 -0.18 -6.97 -15.14
N SER A 51 -0.47 -7.28 -16.40
CA SER A 51 -0.49 -6.35 -17.53
C SER A 51 0.91 -5.94 -17.98
N ALA A 52 1.94 -6.71 -17.65
CA ALA A 52 3.21 -6.37 -18.26
C ALA A 52 3.37 -6.99 -19.66
N VAL A 53 2.59 -8.01 -20.03
CA VAL A 53 2.78 -8.57 -21.36
C VAL A 53 1.56 -8.24 -22.23
N ASN A 54 1.22 -6.94 -22.27
CA ASN A 54 0.13 -6.48 -23.16
C ASN A 54 0.35 -6.92 -24.61
N GLN A 55 1.61 -6.88 -25.07
CA GLN A 55 1.94 -7.21 -26.44
C GLN A 55 2.04 -8.71 -26.67
N GLY A 56 1.69 -9.53 -25.69
CA GLY A 56 1.86 -10.94 -25.84
C GLY A 56 3.27 -11.40 -25.47
N HIS A 57 3.39 -12.68 -25.12
CA HIS A 57 4.67 -13.22 -24.72
C HIS A 57 5.64 -13.27 -25.90
N CYS A 58 6.86 -12.76 -25.69
CA CYS A 58 7.94 -12.92 -26.68
C CYS A 58 7.61 -12.27 -28.04
N HIS A 59 7.00 -11.08 -28.01
CA HIS A 59 6.63 -10.45 -29.27
C HIS A 59 7.88 -10.28 -30.13
N PRO A 60 7.85 -10.72 -31.40
CA PRO A 60 9.08 -10.73 -32.21
C PRO A 60 9.72 -9.37 -32.42
N LYS A 61 8.96 -8.29 -32.59
CA LYS A 61 9.60 -6.99 -32.77
C LYS A 61 10.40 -6.56 -31.54
N ILE A 62 9.86 -6.82 -30.35
CA ILE A 62 10.56 -6.47 -29.12
C ILE A 62 11.75 -7.39 -28.89
N VAL A 63 11.57 -8.69 -29.17
CA VAL A 63 12.71 -9.63 -29.07
C VAL A 63 13.83 -9.18 -29.99
N ASN A 64 13.52 -8.85 -31.25
CA ASN A 64 14.56 -8.43 -32.19
C ASN A 64 15.20 -7.12 -31.76
N ALA A 65 14.42 -6.17 -31.22
CA ALA A 65 15.03 -4.96 -30.68
C ALA A 65 16.07 -5.32 -29.61
N LEU A 66 15.70 -6.21 -28.70
CA LEU A 66 16.63 -6.55 -27.63
C LEU A 66 17.88 -7.24 -28.21
N LYS A 67 17.67 -8.16 -29.14
CA LYS A 67 18.77 -8.90 -29.75
C LYS A 67 19.69 -7.99 -30.52
N SER A 68 19.13 -6.94 -31.13
CA SER A 68 19.94 -5.96 -31.85
C SER A 68 20.81 -5.13 -30.92
N GLN A 69 20.35 -4.83 -29.69
CA GLN A 69 21.15 -3.97 -28.82
C GLN A 69 22.09 -4.73 -27.88
N VAL A 70 21.69 -5.91 -27.41
CA VAL A 70 22.47 -6.65 -26.42
C VAL A 70 23.91 -6.88 -26.87
N ASP A 71 24.16 -6.86 -28.19
CA ASP A 71 25.48 -7.04 -28.77
C ASP A 71 26.31 -5.76 -28.80
N LYS A 72 25.69 -4.57 -28.75
CA LYS A 72 26.44 -3.32 -28.89
C LYS A 72 26.81 -2.73 -27.54
N LEU A 73 25.83 -2.58 -26.66
CA LEU A 73 25.99 -1.78 -25.42
C LEU A 73 24.77 -2.00 -24.55
N THR A 74 24.95 -2.35 -23.26
CA THR A 74 23.76 -2.58 -22.44
C THR A 74 23.67 -1.67 -21.22
N LEU A 75 24.81 -1.12 -20.77
CA LEU A 75 24.81 -0.35 -19.52
C LEU A 75 26.08 0.49 -19.47
N THR A 76 25.95 1.82 -19.52
CA THR A 76 27.06 2.69 -19.20
C THR A 76 26.95 3.32 -17.82
N SER A 77 25.78 3.20 -17.19
CA SER A 77 25.27 4.13 -16.19
C SER A 77 25.12 5.54 -16.78
N ARG A 78 24.39 6.39 -16.08
CA ARG A 78 24.12 7.76 -16.52
C ARG A 78 25.23 8.74 -16.07
N ALA A 79 26.36 8.20 -15.58
CA ALA A 79 27.59 8.98 -15.47
C ALA A 79 28.12 9.37 -16.84
N PHE A 80 27.72 8.63 -17.86
CA PHE A 80 28.04 8.94 -19.24
C PHE A 80 26.74 9.01 -20.04
N TYR A 81 26.84 9.58 -21.23
CA TYR A 81 25.76 9.51 -22.20
C TYR A 81 25.93 8.27 -23.08
N ASN A 82 24.80 7.75 -23.54
CA ASN A 82 24.78 6.75 -24.59
C ASN A 82 23.82 7.26 -25.67
N ASN A 83 23.87 6.61 -26.84
CA ASN A 83 23.18 7.12 -28.01
C ASN A 83 21.68 6.79 -28.03
N VAL A 84 21.21 5.92 -27.14
CA VAL A 84 19.84 5.42 -27.22
C VAL A 84 18.89 6.22 -26.35
N LEU A 85 19.35 6.55 -25.12
CA LEU A 85 18.47 7.14 -24.11
C LEU A 85 17.75 8.37 -24.64
N GLY A 86 18.46 9.27 -25.31
CA GLY A 86 17.79 10.48 -25.81
C GLY A 86 16.81 10.24 -26.93
N GLU A 87 17.03 9.21 -27.73
CA GLU A 87 16.05 8.85 -28.75
C GLU A 87 14.78 8.36 -28.08
N TYR A 88 14.94 7.49 -27.10
CA TYR A 88 13.79 7.01 -26.37
C TYR A 88 13.05 8.14 -25.65
N GLU A 89 13.79 9.07 -25.02
CA GLU A 89 13.16 10.18 -24.29
C GLU A 89 12.36 11.08 -25.23
N GLU A 90 12.96 11.44 -26.38
CA GLU A 90 12.22 12.21 -27.37
C GLU A 90 10.96 11.46 -27.81
N TYR A 91 11.09 10.14 -28.02
CA TYR A 91 9.97 9.36 -28.54
C TYR A 91 8.83 9.28 -27.55
N ILE A 92 9.11 8.86 -26.30
CA ILE A 92 8.07 8.72 -25.29
C ILE A 92 7.47 10.07 -24.89
N THR A 93 8.30 11.13 -24.77
CA THR A 93 7.71 12.41 -24.37
C THR A 93 6.79 12.98 -25.44
N LYS A 94 7.17 12.88 -26.72
CA LYS A 94 6.27 13.30 -27.78
C LYS A 94 5.04 12.42 -27.87
N LEU A 95 5.19 11.13 -27.58
CA LEU A 95 4.05 10.23 -27.60
C LEU A 95 2.99 10.61 -26.57
N PHE A 96 3.42 10.99 -25.35
CA PHE A 96 2.45 11.27 -24.31
C PHE A 96 2.23 12.77 -24.06
N ASN A 97 2.95 13.65 -24.77
CA ASN A 97 2.77 15.11 -24.68
C ASN A 97 3.15 15.68 -23.29
N TYR A 98 4.31 15.27 -22.78
CA TYR A 98 4.92 15.90 -21.61
C TYR A 98 6.30 16.40 -22.00
N HIS A 99 6.79 17.40 -21.28
CA HIS A 99 8.12 17.92 -21.57
C HIS A 99 9.20 16.88 -21.35
N LYS A 100 9.11 16.11 -20.27
CA LYS A 100 10.29 15.32 -19.99
C LYS A 100 9.90 13.99 -19.39
N VAL A 101 10.86 13.07 -19.38
CA VAL A 101 10.68 11.80 -18.71
C VAL A 101 11.91 11.52 -17.83
N LEU A 102 11.66 10.89 -16.69
CA LEU A 102 12.72 10.41 -15.81
C LEU A 102 12.65 8.89 -15.82
N PRO A 103 13.68 8.23 -16.36
CA PRO A 103 13.61 6.78 -16.53
C PRO A 103 13.99 6.07 -15.25
N MET A 104 13.20 5.05 -14.90
CA MET A 104 13.55 4.15 -13.81
C MET A 104 13.40 2.72 -14.32
N ASN A 105 13.42 1.75 -13.41
CA ASN A 105 13.34 0.34 -13.80
C ASN A 105 12.03 -0.31 -13.41
N THR A 106 11.61 -0.21 -12.16
CA THR A 106 10.42 -0.93 -11.70
C THR A 106 9.33 0.08 -11.39
N GLY A 107 8.10 -0.40 -11.27
CA GLY A 107 7.00 0.53 -11.08
C GLY A 107 7.04 1.20 -9.72
N VAL A 108 7.49 0.47 -8.70
CA VAL A 108 7.59 1.11 -7.40
C VAL A 108 8.63 2.22 -7.43
N GLU A 109 9.65 2.07 -8.26
CA GLU A 109 10.66 3.12 -8.31
C GLU A 109 10.10 4.37 -8.98
N ALA A 110 9.22 4.19 -9.99
CA ALA A 110 8.57 5.35 -10.58
C ALA A 110 7.68 6.05 -9.55
N GLY A 111 6.94 5.27 -8.75
CA GLY A 111 6.11 5.86 -7.71
C GLY A 111 6.92 6.63 -6.66
N GLU A 112 8.04 6.04 -6.21
CA GLU A 112 8.92 6.74 -5.27
C GLU A 112 9.44 8.03 -5.89
N THR A 113 9.85 7.96 -7.15
CA THR A 113 10.28 9.13 -7.89
C THR A 113 9.20 10.20 -7.91
N ALA A 114 7.94 9.78 -8.11
CA ALA A 114 6.86 10.76 -8.15
C ALA A 114 6.63 11.42 -6.79
N CYS A 115 6.73 10.64 -5.72
CA CYS A 115 6.61 11.19 -4.38
C CYS A 115 7.71 12.20 -4.13
N LYS A 116 8.92 11.90 -4.59
CA LYS A 116 10.03 12.82 -4.39
C LYS A 116 9.85 14.08 -5.21
N LEU A 117 9.35 13.93 -6.44
CA LEU A 117 9.06 15.12 -7.24
C LEU A 117 8.03 15.98 -6.55
N ALA A 118 6.96 15.35 -6.07
CA ALA A 118 5.86 16.05 -5.43
C ALA A 118 6.32 16.77 -4.16
N ARG A 119 7.11 16.09 -3.33
CA ARG A 119 7.63 16.74 -2.13
C ARG A 119 8.53 17.93 -2.50
N LYS A 120 9.46 17.72 -3.44
CA LYS A 120 10.40 18.77 -3.79
C LYS A 120 9.69 19.95 -4.43
N TRP A 121 8.67 19.69 -5.26
CA TRP A 121 7.87 20.75 -5.85
C TRP A 121 7.09 21.48 -4.76
N GLY A 122 6.54 20.73 -3.79
CA GLY A 122 5.84 21.35 -2.68
C GLY A 122 6.72 22.31 -1.90
N TYR A 123 7.98 21.92 -1.66
CA TYR A 123 8.88 22.79 -0.90
C TYR A 123 9.40 23.95 -1.73
N THR A 124 9.75 23.72 -2.99
CA THR A 124 10.48 24.70 -3.75
C THR A 124 9.60 25.55 -4.66
N VAL A 125 8.42 25.08 -5.02
CA VAL A 125 7.50 25.84 -5.87
C VAL A 125 6.27 26.30 -5.09
N LYS A 126 5.64 25.39 -4.36
CA LYS A 126 4.43 25.74 -3.65
C LYS A 126 4.71 26.49 -2.35
N GLY A 127 5.90 26.36 -1.79
CA GLY A 127 6.23 27.06 -0.56
C GLY A 127 5.94 26.33 0.74
N ILE A 128 5.54 25.06 0.70
CA ILE A 128 5.29 24.31 1.92
C ILE A 128 6.56 24.29 2.80
N GLN A 129 6.38 24.47 4.11
CA GLN A 129 7.50 24.42 5.04
C GLN A 129 8.07 23.00 5.18
N LYS A 130 9.40 22.89 5.20
CA LYS A 130 10.07 21.61 5.34
C LYS A 130 10.01 21.17 6.79
N TYR A 131 9.61 19.93 7.06
CA TYR A 131 9.17 18.94 6.09
C TYR A 131 7.69 18.57 6.34
N LYS A 132 6.79 19.49 5.97
CA LYS A 132 5.37 19.36 6.24
C LYS A 132 4.55 18.87 5.03
N ALA A 133 5.18 18.60 3.90
CA ALA A 133 4.44 18.24 2.69
C ALA A 133 3.76 16.88 2.84
N LYS A 134 2.48 16.84 2.48
CA LYS A 134 1.71 15.62 2.48
C LYS A 134 1.44 15.17 1.04
N ILE A 135 1.25 13.86 0.90
CA ILE A 135 0.74 13.24 -0.32
C ILE A 135 -0.47 12.43 0.08
N VAL A 136 -1.58 12.67 -0.60
CA VAL A 136 -2.82 11.94 -0.38
C VAL A 136 -2.87 10.74 -1.32
N PHE A 137 -3.40 9.61 -0.81
CA PHE A 137 -3.60 8.38 -1.56
C PHE A 137 -5.02 7.88 -1.34
N ALA A 138 -5.45 6.97 -2.19
CA ALA A 138 -6.80 6.39 -2.09
C ALA A 138 -6.71 5.04 -1.41
N ALA A 139 -7.63 4.75 -0.50
CA ALA A 139 -7.69 3.42 0.08
C ALA A 139 -7.90 2.35 -1.00
N GLY A 140 -7.22 1.21 -0.84
CA GLY A 140 -7.13 0.21 -1.88
C GLY A 140 -5.95 0.35 -2.83
N ASN A 141 -5.16 1.40 -2.69
CA ASN A 141 -4.11 1.64 -3.66
C ASN A 141 -3.04 0.56 -3.53
N PHE A 142 -2.34 0.32 -4.63
CA PHE A 142 -1.19 -0.60 -4.65
C PHE A 142 -0.18 0.00 -5.62
N TRP A 143 0.97 0.34 -5.11
CA TRP A 143 1.97 0.80 -6.05
C TRP A 143 3.35 0.22 -5.77
N GLY A 144 3.40 -0.95 -5.13
CA GLY A 144 4.66 -1.65 -4.95
C GLY A 144 4.89 -1.99 -3.49
N ARG A 145 6.12 -2.43 -3.18
CA ARG A 145 6.37 -2.98 -1.85
C ARG A 145 7.56 -2.36 -1.12
N THR A 146 7.98 -1.14 -1.47
CA THR A 146 8.96 -0.46 -0.62
C THR A 146 8.32 -0.04 0.71
N LEU A 147 9.15 0.41 1.65
CA LEU A 147 8.61 0.85 2.92
C LEU A 147 7.64 2.02 2.73
N SER A 148 7.94 2.93 1.79
CA SER A 148 7.03 4.06 1.50
C SER A 148 5.69 3.57 0.99
N ALA A 149 5.76 2.70 0.01
CA ALA A 149 4.56 2.24 -0.68
C ALA A 149 3.62 1.50 0.26
N ILE A 150 4.16 0.67 1.13
CA ILE A 150 3.29 0.02 2.10
C ILE A 150 2.86 0.99 3.20
N SER A 151 3.61 2.09 3.40
CA SER A 151 3.15 3.08 4.37
C SER A 151 1.86 3.74 3.91
N SER A 152 1.62 3.77 2.58
CA SER A 152 0.33 4.33 2.13
C SER A 152 -0.76 3.28 1.87
N SER A 153 -0.51 2.02 2.18
CA SER A 153 -1.43 0.96 1.84
C SER A 153 -2.49 0.80 2.92
N THR A 154 -3.71 0.47 2.53
CA THR A 154 -4.66 0.07 3.56
C THR A 154 -4.79 -1.44 3.69
N ASP A 155 -3.93 -2.21 3.03
CA ASP A 155 -3.98 -3.67 3.09
C ASP A 155 -3.08 -4.17 4.23
N PRO A 156 -3.62 -4.75 5.31
CA PRO A 156 -2.73 -5.22 6.40
C PRO A 156 -1.64 -6.20 5.95
N THR A 157 -1.86 -6.99 4.89
CA THR A 157 -0.85 -7.95 4.48
C THR A 157 0.36 -7.26 3.88
N SER A 158 0.19 -6.06 3.33
CA SER A 158 1.35 -5.36 2.79
C SER A 158 2.18 -4.64 3.88
N TYR A 159 1.55 -4.12 4.95
CA TYR A 159 2.27 -3.30 5.92
C TYR A 159 2.45 -3.93 7.31
N ASP A 160 1.65 -4.93 7.68
CA ASP A 160 1.70 -5.41 9.07
C ASP A 160 3.06 -6.07 9.34
N GLY A 161 3.73 -5.62 10.41
CA GLY A 161 5.03 -6.18 10.77
C GLY A 161 6.19 -5.53 10.09
N PHE A 162 5.97 -4.42 9.38
CA PHE A 162 7.06 -3.89 8.58
C PHE A 162 7.54 -2.53 9.12
N GLY A 163 7.72 -2.48 10.47
CA GLY A 163 8.50 -1.45 11.17
C GLY A 163 7.70 -0.17 11.13
N PRO A 164 8.23 0.94 11.69
CA PRO A 164 7.47 2.20 11.64
C PRO A 164 7.29 2.67 10.22
N PHE A 165 6.29 3.53 10.01
CA PHE A 165 5.86 3.88 8.66
C PHE A 165 6.25 5.30 8.30
N MET A 166 6.27 5.51 7.01
CA MET A 166 6.70 6.80 6.47
C MET A 166 5.68 7.88 6.80
N PRO A 167 6.09 9.00 7.42
CA PRO A 167 5.13 10.07 7.72
C PRO A 167 4.77 10.88 6.48
N GLY A 168 3.65 11.60 6.61
CA GLY A 168 3.25 12.58 5.61
C GLY A 168 2.34 12.05 4.51
N PHE A 169 1.85 10.81 4.65
CA PHE A 169 0.90 10.23 3.71
C PHE A 169 -0.47 10.22 4.36
N ASP A 170 -1.48 10.73 3.64
CA ASP A 170 -2.87 10.62 4.10
C ASP A 170 -3.66 9.73 3.14
N ILE A 171 -4.69 9.09 3.67
CA ILE A 171 -5.48 8.09 2.94
C ILE A 171 -6.96 8.47 3.00
N ILE A 172 -7.61 8.50 1.84
CA ILE A 172 -9.05 8.77 1.74
C ILE A 172 -9.70 7.65 0.95
N PRO A 173 -11.02 7.50 1.03
CA PRO A 173 -11.69 6.53 0.16
C PRO A 173 -11.44 6.84 -1.30
N TYR A 174 -11.41 5.77 -2.09
CA TYR A 174 -11.42 5.83 -3.55
C TYR A 174 -12.81 6.25 -4.05
N ASN A 175 -12.85 6.80 -5.27
CA ASN A 175 -14.14 7.07 -5.94
C ASN A 175 -15.03 7.98 -5.09
N ASP A 176 -14.43 9.04 -4.53
CA ASP A 176 -15.07 9.86 -3.50
C ASP A 176 -14.53 11.28 -3.65
N LEU A 177 -15.24 12.09 -4.45
CA LEU A 177 -14.82 13.46 -4.67
C LEU A 177 -15.00 14.33 -3.43
N PRO A 178 -16.11 14.22 -2.68
CA PRO A 178 -16.20 14.98 -1.42
C PRO A 178 -15.08 14.69 -0.43
N ALA A 179 -14.63 13.43 -0.33
CA ALA A 179 -13.47 13.11 0.52
C ALA A 179 -12.22 13.81 0.02
N LEU A 180 -12.00 13.81 -1.29
CA LEU A 180 -10.83 14.50 -1.81
C LEU A 180 -10.94 16.00 -1.50
N GLU A 181 -12.13 16.57 -1.71
CA GLU A 181 -12.35 17.97 -1.43
C GLU A 181 -12.00 18.29 0.03
N ARG A 182 -12.48 17.47 0.96
CA ARG A 182 -12.16 17.70 2.37
C ARG A 182 -10.65 17.59 2.64
N ALA A 183 -9.98 16.58 2.06
CA ALA A 183 -8.55 16.40 2.34
C ALA A 183 -7.72 17.52 1.75
N LEU A 184 -8.13 18.08 0.63
CA LEU A 184 -7.31 19.11 0.04
C LEU A 184 -7.51 20.48 0.66
N GLN A 185 -8.35 20.63 1.70
CA GLN A 185 -8.37 21.89 2.46
C GLN A 185 -7.01 22.17 3.16
N ASP A 186 -6.25 21.15 3.47
CA ASP A 186 -4.93 21.37 4.06
C ASP A 186 -3.94 21.89 3.02
N PRO A 187 -3.37 23.10 3.19
CA PRO A 187 -2.47 23.66 2.16
C PRO A 187 -1.12 22.97 2.12
N ASN A 188 -0.80 22.15 3.12
CA ASN A 188 0.45 21.39 3.12
C ASN A 188 0.39 20.14 2.25
N VAL A 189 -0.78 19.82 1.68
CA VAL A 189 -0.83 18.76 0.68
C VAL A 189 -0.09 19.18 -0.59
N ALA A 190 0.86 18.35 -1.01
CA ALA A 190 1.51 18.58 -2.31
C ALA A 190 0.89 17.81 -3.46
N ALA A 191 0.33 16.62 -3.21
CA ALA A 191 -0.09 15.79 -4.33
C ALA A 191 -1.15 14.80 -3.89
N PHE A 192 -1.89 14.34 -4.89
CA PHE A 192 -2.84 13.25 -4.80
C PHE A 192 -2.40 12.23 -5.82
N MET A 193 -1.96 11.05 -5.36
CA MET A 193 -1.63 9.94 -6.25
C MET A 193 -2.79 8.96 -6.35
N VAL A 194 -3.11 8.51 -7.56
CA VAL A 194 -4.31 7.68 -7.70
C VAL A 194 -4.22 6.88 -8.99
N GLU A 195 -4.72 5.60 -8.92
CA GLU A 195 -4.92 4.72 -10.07
C GLU A 195 -6.24 5.04 -10.76
N PRO A 196 -6.25 5.21 -12.08
CA PRO A 196 -7.52 5.44 -12.80
C PRO A 196 -8.52 4.34 -12.63
N ILE A 197 -8.03 3.10 -12.42
CA ILE A 197 -8.83 1.94 -12.05
C ILE A 197 -7.94 1.16 -11.11
N GLN A 198 -8.42 0.79 -9.94
CA GLN A 198 -7.51 0.15 -8.99
C GLN A 198 -7.34 -1.30 -9.40
N GLY A 199 -6.11 -1.68 -9.75
CA GLY A 199 -5.88 -3.01 -10.24
C GLY A 199 -5.82 -4.08 -9.19
N GLU A 200 -4.79 -4.05 -8.34
CA GLU A 200 -4.60 -5.08 -7.33
C GLU A 200 -5.78 -5.18 -6.38
N ALA A 201 -6.47 -4.06 -6.14
CA ALA A 201 -7.64 -4.06 -5.28
C ALA A 201 -8.78 -4.91 -5.83
N GLY A 202 -8.76 -5.23 -7.12
CA GLY A 202 -9.77 -6.06 -7.79
C GLY A 202 -10.43 -5.37 -8.98
N VAL A 203 -9.68 -4.59 -9.78
CA VAL A 203 -10.23 -3.90 -10.94
C VAL A 203 -11.42 -3.07 -10.47
N VAL A 204 -11.16 -2.10 -9.59
CA VAL A 204 -12.21 -1.27 -9.02
C VAL A 204 -12.34 -0.04 -9.94
N VAL A 205 -13.44 0.04 -10.67
CA VAL A 205 -13.62 1.11 -11.66
C VAL A 205 -14.35 2.26 -10.99
N PRO A 206 -13.81 3.45 -11.01
CA PRO A 206 -14.50 4.58 -10.39
C PRO A 206 -15.70 5.00 -11.24
N ASP A 207 -16.55 5.84 -10.67
CA ASP A 207 -17.72 6.28 -11.42
C ASP A 207 -17.31 7.21 -12.56
N PRO A 208 -18.06 7.23 -13.66
CA PRO A 208 -17.87 8.28 -14.68
C PRO A 208 -17.79 9.67 -14.07
N GLY A 209 -16.78 10.43 -14.49
CA GLY A 209 -16.57 11.77 -14.01
C GLY A 209 -15.66 11.89 -12.80
N TYR A 210 -15.32 10.78 -12.15
CA TYR A 210 -14.43 10.82 -10.99
C TYR A 210 -13.11 11.47 -11.36
N LEU A 211 -12.51 11.04 -12.47
CA LEU A 211 -11.20 11.56 -12.87
C LEU A 211 -11.28 13.02 -13.28
N MET A 212 -12.38 13.41 -13.92
CA MET A 212 -12.58 14.83 -14.20
C MET A 212 -12.62 15.62 -12.90
N GLY A 213 -13.31 15.08 -11.91
CA GLY A 213 -13.45 15.81 -10.66
C GLY A 213 -12.14 15.89 -9.92
N VAL A 214 -11.35 14.81 -9.96
CA VAL A 214 -10.01 14.80 -9.38
C VAL A 214 -9.17 15.90 -10.02
N ARG A 215 -9.12 15.92 -11.36
CA ARG A 215 -8.34 16.94 -12.04
C ARG A 215 -8.80 18.32 -11.59
N GLU A 216 -10.12 18.53 -11.54
CA GLU A 216 -10.64 19.83 -11.14
C GLU A 216 -10.24 20.18 -9.70
N LEU A 217 -10.31 19.21 -8.79
CA LEU A 217 -10.02 19.58 -7.41
C LEU A 217 -8.53 19.80 -7.20
N CYS A 218 -7.69 19.05 -7.91
CA CYS A 218 -6.25 19.25 -7.78
C CYS A 218 -5.86 20.64 -8.29
N THR A 219 -6.39 21.01 -9.44
CA THR A 219 -6.13 22.36 -9.95
C THR A 219 -6.64 23.43 -9.00
N ARG A 220 -7.90 23.30 -8.54
CA ARG A 220 -8.47 24.32 -7.64
C ARG A 220 -7.63 24.50 -6.38
N HIS A 221 -7.02 23.43 -5.88
CA HIS A 221 -6.32 23.53 -4.60
C HIS A 221 -4.81 23.52 -4.73
N GLN A 222 -4.29 23.65 -5.96
CA GLN A 222 -2.85 23.70 -6.22
C GLN A 222 -2.16 22.46 -5.67
N VAL A 223 -2.70 21.31 -6.07
CA VAL A 223 -2.18 20.00 -5.71
C VAL A 223 -1.86 19.27 -7.00
N LEU A 224 -0.72 18.57 -7.02
CA LEU A 224 -0.35 17.74 -8.15
C LEU A 224 -1.26 16.53 -8.25
N PHE A 225 -1.67 16.23 -9.48
CA PHE A 225 -2.43 15.04 -9.80
C PHE A 225 -1.42 14.04 -10.39
N ILE A 226 -1.10 13.00 -9.60
CA ILE A 226 -0.24 11.91 -10.06
C ILE A 226 -1.14 10.74 -10.43
N ALA A 227 -1.12 10.38 -11.72
CA ALA A 227 -1.83 9.21 -12.23
C ALA A 227 -0.88 8.04 -12.32
N ASP A 228 -1.15 7.01 -11.53
CA ASP A 228 -0.41 5.75 -11.64
C ASP A 228 -1.09 4.92 -12.71
N GLU A 229 -0.50 4.90 -13.90
CA GLU A 229 -0.98 4.13 -15.02
C GLU A 229 -0.02 2.98 -15.33
N ILE A 230 0.69 2.50 -14.29
CA ILE A 230 1.62 1.38 -14.47
C ILE A 230 0.91 0.14 -14.96
N GLN A 231 -0.31 -0.09 -14.48
CA GLN A 231 -1.14 -1.23 -14.86
C GLN A 231 -2.21 -0.87 -15.89
N THR A 232 -2.85 0.30 -15.74
CA THR A 232 -3.96 0.66 -16.60
C THR A 232 -3.51 1.25 -17.93
N GLY A 233 -2.25 1.70 -18.04
CA GLY A 233 -1.80 2.38 -19.24
C GLY A 233 -1.54 1.48 -20.45
N LEU A 234 -1.06 2.11 -21.51
CA LEU A 234 -0.50 1.38 -22.65
C LEU A 234 -1.50 0.36 -23.24
N ALA A 235 -2.72 0.83 -23.55
CA ALA A 235 -3.79 0.18 -24.31
C ALA A 235 -4.59 -0.83 -23.50
N ARG A 236 -4.12 -1.21 -22.30
CA ARG A 236 -4.75 -2.24 -21.48
C ARG A 236 -6.24 -2.02 -21.31
N THR A 237 -6.64 -0.78 -21.03
CA THR A 237 -8.05 -0.48 -20.84
C THR A 237 -8.70 0.08 -22.09
N GLY A 238 -8.04 0.02 -23.25
CA GLY A 238 -8.64 0.49 -24.49
C GLY A 238 -8.28 1.90 -24.92
N ARG A 239 -7.27 2.51 -24.27
CA ARG A 239 -6.74 3.85 -24.59
C ARG A 239 -5.24 3.86 -24.31
N TRP A 240 -4.52 4.87 -24.82
CA TRP A 240 -3.09 4.96 -24.44
C TRP A 240 -2.93 5.15 -22.94
N LEU A 241 -3.81 5.93 -22.34
CA LEU A 241 -3.90 6.03 -20.89
C LEU A 241 -5.35 5.94 -20.52
N ALA A 242 -5.65 5.27 -19.41
CA ALA A 242 -7.03 5.18 -18.94
C ALA A 242 -7.66 6.55 -18.68
N VAL A 243 -6.88 7.53 -18.22
CA VAL A 243 -7.42 8.89 -18.01
C VAL A 243 -7.93 9.49 -19.32
N ASP A 244 -7.46 8.98 -20.47
CA ASP A 244 -7.93 9.47 -21.77
C ASP A 244 -9.43 9.27 -21.95
N TYR A 245 -10.02 8.29 -21.24
CA TYR A 245 -11.46 8.11 -21.31
C TYR A 245 -12.22 9.35 -20.90
N GLU A 246 -11.67 10.17 -20.00
CA GLU A 246 -12.33 11.40 -19.58
C GLU A 246 -11.57 12.62 -20.04
N ASN A 247 -10.62 12.45 -20.95
CA ASN A 247 -9.85 13.56 -21.51
C ASN A 247 -9.16 14.40 -20.43
N VAL A 248 -8.59 13.74 -19.42
CA VAL A 248 -7.97 14.53 -18.35
C VAL A 248 -6.47 14.36 -18.43
N ARG A 249 -5.73 15.42 -18.07
CA ARG A 249 -4.28 15.45 -18.15
C ARG A 249 -3.69 15.52 -16.75
N PRO A 250 -3.17 14.42 -16.20
CA PRO A 250 -2.50 14.50 -14.91
C PRO A 250 -1.25 15.38 -14.98
N ASP A 251 -0.82 15.86 -13.80
CA ASP A 251 0.45 16.57 -13.67
C ASP A 251 1.64 15.64 -13.80
N ILE A 252 1.52 14.43 -13.27
CA ILE A 252 2.57 13.45 -13.40
C ILE A 252 1.91 12.13 -13.78
N VAL A 253 2.50 11.43 -14.75
CA VAL A 253 2.02 10.10 -15.14
C VAL A 253 3.10 9.05 -14.87
N LEU A 254 2.72 7.94 -14.25
CA LEU A 254 3.63 6.81 -14.05
C LEU A 254 3.33 5.72 -15.07
N LEU A 255 4.36 5.20 -15.72
CA LEU A 255 4.25 4.09 -16.68
C LEU A 255 5.24 3.02 -16.29
N GLY A 256 4.88 1.77 -16.57
CA GLY A 256 5.73 0.64 -16.20
C GLY A 256 5.25 -0.60 -16.92
N LYS A 257 5.54 -1.77 -16.31
CA LYS A 257 5.07 -3.07 -16.77
C LYS A 257 5.14 -3.28 -18.28
N ALA A 258 4.04 -3.05 -19.03
CA ALA A 258 4.04 -3.27 -20.49
C ALA A 258 4.90 -2.25 -21.24
N LEU A 259 5.52 -1.28 -20.57
CA LEU A 259 6.44 -0.38 -21.27
C LEU A 259 7.55 -1.14 -21.99
N SER A 260 7.84 -2.37 -21.58
CA SER A 260 8.87 -3.16 -22.23
C SER A 260 8.35 -4.44 -22.88
N GLY A 261 7.04 -4.67 -22.87
CA GLY A 261 6.54 -5.93 -23.37
C GLY A 261 6.93 -7.13 -22.53
N GLY A 262 7.47 -6.92 -21.33
CA GLY A 262 7.87 -8.02 -20.49
C GLY A 262 9.31 -8.44 -20.66
N LEU A 263 10.03 -7.82 -21.57
CA LEU A 263 11.39 -8.21 -21.89
C LEU A 263 12.44 -7.54 -21.00
N TYR A 264 12.06 -6.57 -20.19
CA TYR A 264 13.06 -5.79 -19.46
C TYR A 264 12.35 -4.89 -18.47
N PRO A 265 12.88 -4.72 -17.26
CA PRO A 265 12.18 -3.87 -16.29
C PRO A 265 12.41 -2.40 -16.60
N VAL A 266 11.41 -1.72 -17.16
CA VAL A 266 11.54 -0.32 -17.53
C VAL A 266 10.34 0.44 -16.98
N SER A 267 10.58 1.54 -16.27
CA SER A 267 9.44 2.39 -15.95
C SER A 267 9.77 3.84 -16.24
N ALA A 268 8.77 4.69 -16.17
CA ALA A 268 8.96 6.05 -16.57
C ALA A 268 8.06 6.96 -15.75
N VAL A 269 8.57 8.14 -15.47
CA VAL A 269 7.81 9.19 -14.83
C VAL A 269 7.78 10.34 -15.82
N LEU A 270 6.58 10.78 -16.20
CA LEU A 270 6.38 11.81 -17.21
C LEU A 270 5.83 13.06 -16.59
N CYS A 271 6.42 14.21 -16.93
CA CYS A 271 5.83 15.47 -16.50
C CYS A 271 6.53 16.64 -17.16
N ASP A 272 5.96 17.83 -16.94
CA ASP A 272 6.42 19.05 -17.56
C ASP A 272 7.58 19.65 -16.75
N ASP A 273 8.21 20.68 -17.34
CA ASP A 273 9.47 21.22 -16.83
C ASP A 273 9.32 21.77 -15.42
N ASP A 274 8.21 22.43 -15.16
CA ASP A 274 8.04 23.15 -13.90
C ASP A 274 8.01 22.20 -12.71
N ILE A 275 7.72 20.94 -12.95
CA ILE A 275 7.86 19.91 -11.93
C ILE A 275 9.19 19.18 -12.06
N MET A 276 9.50 18.70 -13.26
CA MET A 276 10.62 17.79 -13.44
C MET A 276 11.92 18.43 -13.01
N LEU A 277 12.09 19.71 -13.29
CA LEU A 277 13.36 20.35 -13.03
C LEU A 277 13.49 20.86 -11.59
N THR A 278 12.54 20.53 -10.71
CA THR A 278 12.82 20.76 -9.29
C THR A 278 13.91 19.83 -8.78
N ILE A 279 14.21 18.75 -9.52
CA ILE A 279 15.28 17.83 -9.14
C ILE A 279 16.52 18.19 -9.95
N LYS A 280 17.57 18.54 -9.26
CA LYS A 280 18.82 19.03 -9.84
C LYS A 280 19.80 17.89 -10.00
N PRO A 281 20.90 18.11 -10.74
CA PRO A 281 21.87 17.03 -10.96
C PRO A 281 22.44 16.47 -9.66
N GLY A 282 22.49 15.15 -9.56
CA GLY A 282 22.98 14.46 -8.39
C GLY A 282 21.93 14.19 -7.33
N GLU A 283 20.71 14.65 -7.52
CA GLU A 283 19.71 14.54 -6.47
C GLU A 283 18.81 13.31 -6.61
N HIS A 284 18.99 12.49 -7.66
CA HIS A 284 18.13 11.31 -7.87
C HIS A 284 18.66 10.45 -9.03
N GLY A 285 18.55 9.14 -8.89
CA GLY A 285 18.92 8.28 -9.99
C GLY A 285 18.73 6.82 -9.67
N SER A 286 19.41 5.98 -10.45
CA SER A 286 19.31 4.53 -10.36
C SER A 286 20.38 3.98 -11.28
N THR A 287 21.09 2.92 -10.85
CA THR A 287 22.16 2.39 -11.70
C THR A 287 21.64 2.03 -13.10
N TYR A 288 20.57 1.25 -13.15
CA TYR A 288 20.09 0.74 -14.43
C TYR A 288 19.08 1.68 -15.10
N GLY A 289 18.70 2.77 -14.43
CA GLY A 289 17.69 3.63 -15.04
C GLY A 289 18.17 4.29 -16.32
N GLY A 290 17.43 4.04 -17.40
CA GLY A 290 17.72 4.68 -18.68
C GLY A 290 18.82 4.03 -19.48
N ASN A 291 19.21 2.79 -19.15
CA ASN A 291 20.27 2.12 -19.87
C ASN A 291 19.83 1.84 -21.31
N PRO A 292 20.79 1.66 -22.23
CA PRO A 292 20.42 1.54 -23.67
C PRO A 292 19.64 0.28 -24.00
N LEU A 293 19.89 -0.84 -23.31
CA LEU A 293 19.13 -2.04 -23.65
C LEU A 293 17.64 -1.86 -23.35
N GLY A 294 17.32 -1.40 -22.14
CA GLY A 294 15.94 -1.17 -21.78
C GLY A 294 15.27 -0.14 -22.68
N CYS A 295 16.00 0.90 -23.06
CA CYS A 295 15.42 1.93 -23.95
C CYS A 295 15.09 1.36 -25.34
N ARG A 296 15.96 0.50 -25.90
CA ARG A 296 15.64 -0.08 -27.21
C ARG A 296 14.38 -0.96 -27.14
N VAL A 297 14.27 -1.79 -26.08
CA VAL A 297 13.07 -2.60 -25.97
C VAL A 297 11.85 -1.71 -25.75
N ALA A 298 12.00 -0.63 -24.99
CA ALA A 298 10.83 0.20 -24.71
C ALA A 298 10.34 0.91 -25.98
N ILE A 299 11.25 1.39 -26.81
CA ILE A 299 10.83 1.95 -28.11
C ILE A 299 10.06 0.91 -28.90
N ALA A 300 10.59 -0.33 -28.98
CA ALA A 300 9.89 -1.32 -29.79
C ALA A 300 8.54 -1.68 -29.18
N ALA A 301 8.45 -1.74 -27.84
CA ALA A 301 7.22 -2.15 -27.19
C ALA A 301 6.12 -1.13 -27.45
N LEU A 302 6.47 0.15 -27.31
CA LEU A 302 5.51 1.22 -27.66
C LEU A 302 5.12 1.13 -29.13
N GLU A 303 6.10 0.86 -30.00
CA GLU A 303 5.78 0.82 -31.43
C GLU A 303 4.77 -0.27 -31.72
N VAL A 304 4.92 -1.44 -31.05
CA VAL A 304 4.00 -2.55 -31.22
C VAL A 304 2.59 -2.13 -30.85
N LEU A 305 2.46 -1.45 -29.72
CA LEU A 305 1.14 -1.02 -29.29
C LEU A 305 0.49 -0.10 -30.33
N GLU A 306 1.29 0.74 -30.97
CA GLU A 306 0.70 1.65 -31.95
C GLU A 306 0.36 0.95 -33.28
N GLU A 307 1.30 0.18 -33.84
CA GLU A 307 1.10 -0.36 -35.19
C GLU A 307 0.07 -1.48 -35.22
N GLU A 308 -0.07 -2.24 -34.13
CA GLU A 308 -1.06 -3.30 -34.11
C GLU A 308 -2.41 -2.84 -33.56
N ASN A 309 -2.54 -1.55 -33.23
CA ASN A 309 -3.84 -0.97 -32.88
C ASN A 309 -4.44 -1.66 -31.66
N LEU A 310 -3.59 -1.95 -30.66
CA LEU A 310 -4.05 -2.80 -29.58
C LEU A 310 -5.06 -2.10 -28.68
N ALA A 311 -5.06 -0.75 -28.62
CA ALA A 311 -6.07 -0.04 -27.84
C ALA A 311 -7.49 -0.31 -28.36
N GLU A 312 -7.72 -0.07 -29.66
CA GLU A 312 -9.05 -0.36 -30.22
C GLU A 312 -9.42 -1.84 -30.04
N ASN A 313 -8.44 -2.73 -30.23
CA ASN A 313 -8.70 -4.16 -30.01
C ASN A 313 -9.19 -4.42 -28.58
N ALA A 314 -8.51 -3.86 -27.57
CA ALA A 314 -8.88 -4.12 -26.18
C ALA A 314 -10.22 -3.48 -25.84
N ASP A 315 -10.51 -2.31 -26.41
CA ASP A 315 -11.82 -1.67 -26.25
C ASP A 315 -12.95 -2.59 -26.74
N LYS A 316 -12.88 -2.97 -28.03
CA LYS A 316 -13.95 -3.79 -28.62
C LYS A 316 -14.07 -5.15 -27.94
N LEU A 317 -12.94 -5.85 -27.76
CA LEU A 317 -12.96 -7.18 -27.15
C LEU A 317 -13.34 -7.15 -25.68
N GLY A 318 -12.98 -6.09 -24.94
CA GLY A 318 -13.42 -6.01 -23.56
C GLY A 318 -14.92 -5.85 -23.46
N ILE A 319 -15.52 -5.13 -24.43
CA ILE A 319 -16.97 -5.06 -24.42
C ILE A 319 -17.55 -6.46 -24.59
N ILE A 320 -16.97 -7.26 -25.50
CA ILE A 320 -17.49 -8.61 -25.72
C ILE A 320 -17.35 -9.48 -24.47
N LEU A 321 -16.21 -9.38 -23.81
CA LEU A 321 -15.91 -10.20 -22.64
C LEU A 321 -16.84 -9.87 -21.48
N ARG A 322 -17.02 -8.57 -21.19
CA ARG A 322 -17.91 -8.20 -20.10
C ARG A 322 -19.36 -8.59 -20.40
N ASN A 323 -19.78 -8.39 -21.64
CA ASN A 323 -21.13 -8.83 -22.01
C ASN A 323 -21.31 -10.31 -21.76
N GLU A 324 -20.29 -11.12 -22.05
CA GLU A 324 -20.49 -12.56 -21.87
C GLU A 324 -20.37 -12.97 -20.41
N LEU A 325 -19.52 -12.31 -19.63
CA LEU A 325 -19.38 -12.62 -18.22
C LEU A 325 -20.65 -12.26 -17.43
N MET A 326 -21.38 -11.23 -17.89
CA MET A 326 -22.67 -10.90 -17.26
C MET A 326 -23.77 -11.92 -17.56
N LYS A 327 -23.53 -12.84 -18.48
CA LYS A 327 -24.43 -13.97 -18.72
C LYS A 327 -24.31 -15.06 -17.66
N LEU A 328 -23.26 -15.01 -16.83
CA LEU A 328 -23.03 -16.00 -15.79
C LEU A 328 -24.05 -15.84 -14.65
N PRO A 329 -24.28 -16.90 -13.88
CA PRO A 329 -25.36 -16.86 -12.88
C PRO A 329 -24.99 -15.98 -11.70
N SER A 330 -25.95 -15.14 -11.31
CA SER A 330 -25.79 -14.30 -10.12
C SER A 330 -25.74 -15.10 -8.82
N ASP A 331 -26.02 -16.40 -8.86
CA ASP A 331 -25.79 -17.23 -7.68
C ASP A 331 -24.31 -17.43 -7.41
N VAL A 332 -23.48 -17.45 -8.46
CA VAL A 332 -22.05 -17.72 -8.36
C VAL A 332 -21.21 -16.47 -8.61
N VAL A 333 -21.56 -15.70 -9.64
CA VAL A 333 -20.81 -14.49 -10.00
C VAL A 333 -21.68 -13.30 -9.62
N THR A 334 -21.24 -12.55 -8.62
CA THR A 334 -22.04 -11.46 -8.08
C THR A 334 -21.66 -10.09 -8.65
N ALA A 335 -20.53 -9.97 -9.33
CA ALA A 335 -20.24 -8.71 -10.01
C ALA A 335 -19.29 -8.95 -11.17
N VAL A 336 -19.40 -8.08 -12.17
CA VAL A 336 -18.54 -8.05 -13.36
C VAL A 336 -18.10 -6.60 -13.56
N ARG A 337 -16.81 -6.38 -13.75
CA ARG A 337 -16.44 -4.98 -13.99
C ARG A 337 -15.13 -4.89 -14.77
N GLY A 338 -14.88 -3.73 -15.32
CA GLY A 338 -13.64 -3.55 -16.07
C GLY A 338 -13.78 -2.46 -17.12
N LYS A 339 -12.64 -2.20 -17.76
CA LYS A 339 -12.52 -1.34 -18.92
C LYS A 339 -11.50 -1.98 -19.84
N GLY A 340 -11.78 -1.96 -21.15
CA GLY A 340 -10.92 -2.65 -22.11
C GLY A 340 -10.70 -4.09 -21.67
N LEU A 341 -9.45 -4.54 -21.71
CA LEU A 341 -9.15 -5.92 -21.35
C LEU A 341 -8.64 -6.04 -19.91
N LEU A 342 -9.03 -5.10 -19.08
CA LEU A 342 -8.77 -5.16 -17.64
C LEU A 342 -10.11 -5.40 -16.95
N ASN A 343 -10.36 -6.63 -16.51
CA ASN A 343 -11.71 -7.01 -16.10
C ASN A 343 -11.61 -7.94 -14.92
N ALA A 344 -12.70 -8.06 -14.16
CA ALA A 344 -12.71 -9.03 -13.08
C ALA A 344 -14.14 -9.43 -12.78
N ILE A 345 -14.28 -10.60 -12.16
CA ILE A 345 -15.54 -11.08 -11.60
C ILE A 345 -15.37 -11.29 -10.10
N VAL A 346 -16.46 -11.12 -9.36
CA VAL A 346 -16.53 -11.45 -7.95
C VAL A 346 -17.34 -12.72 -7.77
N ILE A 347 -16.82 -13.63 -6.94
CA ILE A 347 -17.39 -14.96 -6.66
C ILE A 347 -18.07 -14.91 -5.31
N LYS A 348 -19.28 -15.48 -5.22
CA LYS A 348 -19.95 -15.66 -3.93
C LYS A 348 -19.28 -16.82 -3.19
N GLU A 349 -18.60 -16.53 -2.09
CA GLU A 349 -17.89 -17.57 -1.35
C GLU A 349 -18.87 -18.48 -0.62
N THR A 350 -18.78 -19.79 -0.87
CA THR A 350 -19.56 -20.78 -0.13
C THR A 350 -18.65 -21.97 0.19
N LYS A 351 -19.19 -22.91 0.97
CA LYS A 351 -18.43 -24.09 1.35
C LYS A 351 -18.20 -25.04 0.17
N ASP A 352 -18.66 -24.71 -1.03
CA ASP A 352 -18.50 -25.58 -2.19
C ASP A 352 -17.64 -24.97 -3.30
N TRP A 353 -17.26 -23.69 -3.19
CA TRP A 353 -16.37 -23.05 -4.16
C TRP A 353 -15.87 -21.74 -3.57
N ASP A 354 -14.63 -21.39 -3.91
CA ASP A 354 -14.07 -20.06 -3.69
C ASP A 354 -13.22 -19.73 -4.91
N ALA A 355 -12.64 -18.51 -4.93
CA ALA A 355 -11.91 -18.09 -6.13
C ALA A 355 -10.67 -18.94 -6.37
N TRP A 356 -10.03 -19.44 -5.31
CA TRP A 356 -8.86 -20.31 -5.52
C TRP A 356 -9.27 -21.61 -6.20
N LYS A 357 -10.32 -22.25 -5.70
CA LYS A 357 -10.84 -23.46 -6.35
C LYS A 357 -11.21 -23.18 -7.81
N VAL A 358 -11.84 -22.03 -8.08
CA VAL A 358 -12.21 -21.71 -9.46
C VAL A 358 -10.96 -21.58 -10.31
N CYS A 359 -9.94 -20.94 -9.77
CA CYS A 359 -8.71 -20.75 -10.52
C CYS A 359 -7.96 -22.05 -10.76
N LEU A 360 -8.00 -22.98 -9.79
CA LEU A 360 -7.39 -24.28 -10.02
C LEU A 360 -8.13 -25.02 -11.14
N ARG A 361 -9.46 -24.94 -11.15
CA ARG A 361 -10.20 -25.62 -12.22
C ARG A 361 -10.05 -24.89 -13.57
N LEU A 362 -9.91 -23.56 -13.57
CA LEU A 362 -9.61 -22.83 -14.80
C LEU A 362 -8.31 -23.34 -15.37
N ARG A 363 -7.32 -23.54 -14.50
CA ARG A 363 -6.04 -24.11 -14.92
C ARG A 363 -6.23 -25.50 -15.54
N ASP A 364 -6.96 -26.39 -14.84
CA ASP A 364 -7.21 -27.72 -15.41
C ASP A 364 -7.96 -27.65 -16.74
N ASN A 365 -8.69 -26.57 -17.01
CA ASN A 365 -9.38 -26.43 -18.29
C ASN A 365 -8.61 -25.56 -19.32
N GLY A 366 -7.39 -25.12 -19.03
CA GLY A 366 -6.56 -24.47 -20.03
C GLY A 366 -6.48 -22.95 -19.97
N LEU A 367 -6.81 -22.35 -18.84
CA LEU A 367 -6.82 -20.91 -18.72
C LEU A 367 -6.23 -20.54 -17.36
N LEU A 368 -5.28 -19.62 -17.36
CA LEU A 368 -4.51 -19.22 -16.17
C LEU A 368 -5.01 -17.87 -15.65
N ALA A 369 -5.59 -17.87 -14.45
CA ALA A 369 -5.97 -16.63 -13.76
C ALA A 369 -5.57 -16.75 -12.29
N LYS A 370 -5.47 -15.62 -11.59
CA LYS A 370 -5.20 -15.69 -10.16
C LYS A 370 -6.21 -14.84 -9.41
N PRO A 371 -6.61 -15.26 -8.20
CA PRO A 371 -7.52 -14.43 -7.41
C PRO A 371 -6.79 -13.31 -6.71
N THR A 372 -7.50 -12.23 -6.47
CA THR A 372 -6.99 -11.18 -5.61
C THR A 372 -7.99 -10.94 -4.48
N HIS A 373 -7.47 -10.45 -3.35
CA HIS A 373 -8.22 -10.25 -2.11
C HIS A 373 -9.27 -11.30 -1.83
N GLY A 374 -8.93 -12.56 -2.05
CA GLY A 374 -9.84 -13.64 -1.70
C GLY A 374 -10.83 -14.07 -2.77
N ASP A 375 -11.77 -13.19 -3.14
CA ASP A 375 -12.96 -13.58 -3.90
C ASP A 375 -13.02 -12.96 -5.29
N ILE A 376 -11.98 -12.25 -5.73
CA ILE A 376 -12.00 -11.53 -6.99
C ILE A 376 -11.11 -12.29 -7.95
N ILE A 377 -11.63 -12.67 -9.12
CA ILE A 377 -10.78 -13.18 -10.18
C ILE A 377 -10.63 -12.12 -11.25
N ARG A 378 -9.38 -11.79 -11.58
CA ARG A 378 -9.06 -10.88 -12.65
C ARG A 378 -8.90 -11.62 -13.98
N PHE A 379 -9.48 -11.09 -15.05
CA PHE A 379 -9.32 -11.59 -16.40
C PHE A 379 -8.64 -10.51 -17.23
N ALA A 380 -7.40 -10.79 -17.64
CA ALA A 380 -6.53 -9.79 -18.26
C ALA A 380 -5.60 -10.48 -19.24
N PRO A 381 -6.10 -10.83 -20.43
CA PRO A 381 -5.24 -11.53 -21.40
C PRO A 381 -4.44 -10.52 -22.21
N PRO A 382 -3.36 -10.95 -22.86
CA PRO A 382 -2.65 -10.01 -23.72
C PRO A 382 -3.56 -9.46 -24.79
N LEU A 383 -3.26 -8.22 -25.19
CA LEU A 383 -4.12 -7.40 -26.03
C LEU A 383 -4.05 -7.84 -27.49
N VAL A 384 -3.07 -8.68 -27.85
CA VAL A 384 -2.97 -9.28 -29.18
C VAL A 384 -3.96 -10.42 -29.38
N ILE A 385 -4.70 -10.80 -28.34
CA ILE A 385 -5.71 -11.83 -28.48
C ILE A 385 -6.68 -11.46 -29.63
N LYS A 386 -7.24 -12.47 -30.27
CA LYS A 386 -8.21 -12.34 -31.34
C LYS A 386 -9.62 -12.69 -30.86
N GLU A 387 -10.64 -12.20 -31.59
CA GLU A 387 -12.03 -12.40 -31.15
C GLU A 387 -12.38 -13.90 -31.02
N ASP A 388 -11.95 -14.74 -31.96
CA ASP A 388 -12.29 -16.16 -31.83
C ASP A 388 -11.57 -16.80 -30.65
N GLU A 389 -10.32 -16.37 -30.39
CA GLU A 389 -9.58 -16.83 -29.21
C GLU A 389 -10.24 -16.35 -27.92
N LEU A 390 -10.76 -15.11 -27.94
CA LEU A 390 -11.47 -14.61 -26.78
C LEU A 390 -12.75 -15.42 -26.53
N ARG A 391 -13.50 -15.76 -27.58
CA ARG A 391 -14.66 -16.61 -27.37
C ARG A 391 -14.28 -18.01 -26.85
N GLU A 392 -13.24 -18.62 -27.41
CA GLU A 392 -12.80 -19.90 -26.85
C GLU A 392 -12.47 -19.79 -25.34
N SER A 393 -11.78 -18.73 -24.95
CA SER A 393 -11.47 -18.49 -23.54
C SER A 393 -12.73 -18.30 -22.69
N ILE A 394 -13.66 -17.49 -23.18
CA ILE A 394 -14.90 -17.29 -22.45
C ILE A 394 -15.61 -18.62 -22.24
N GLU A 395 -15.55 -19.53 -23.24
CA GLU A 395 -16.20 -20.81 -23.07
C GLU A 395 -15.48 -21.66 -22.03
N ILE A 396 -14.17 -21.47 -21.88
CA ILE A 396 -13.48 -22.16 -20.77
C ILE A 396 -13.96 -21.62 -19.43
N ILE A 397 -14.19 -20.30 -19.36
CA ILE A 397 -14.70 -19.73 -18.12
C ILE A 397 -16.11 -20.25 -17.81
N ASN A 398 -16.99 -20.29 -18.84
CA ASN A 398 -18.36 -20.79 -18.61
C ASN A 398 -18.31 -22.25 -18.17
N LYS A 399 -17.48 -23.05 -18.82
CA LYS A 399 -17.33 -24.46 -18.49
C LYS A 399 -16.92 -24.61 -17.04
N THR A 400 -15.97 -23.80 -16.61
CA THR A 400 -15.46 -23.92 -15.26
C THR A 400 -16.52 -23.51 -14.25
N ILE A 401 -17.11 -22.32 -14.44
CA ILE A 401 -18.03 -21.78 -13.44
C ILE A 401 -19.21 -22.69 -13.30
N LEU A 402 -19.76 -23.14 -14.43
CA LEU A 402 -20.94 -23.98 -14.42
C LEU A 402 -20.64 -25.43 -14.02
N SER A 403 -19.37 -25.82 -13.93
CA SER A 403 -19.12 -27.17 -13.41
C SER A 403 -19.16 -27.22 -11.89
N PHE A 404 -19.33 -26.08 -11.22
CA PHE A 404 -19.49 -26.04 -9.77
C PHE A 404 -20.97 -26.12 -9.47
N PRO B 3 24.32 11.76 -36.29
CA PRO B 3 24.18 11.91 -34.83
C PRO B 3 25.53 12.08 -34.13
N THR B 4 25.84 13.30 -33.71
CA THR B 4 27.11 13.62 -33.08
C THR B 4 26.97 13.61 -31.56
N SER B 5 28.10 13.65 -30.86
CA SER B 5 28.04 13.71 -29.40
C SER B 5 27.20 14.88 -28.93
N ASP B 6 27.39 16.05 -29.55
CA ASP B 6 26.65 17.25 -29.14
C ASP B 6 25.16 17.13 -29.45
N ASP B 7 24.81 16.49 -30.58
CA ASP B 7 23.41 16.18 -30.83
C ASP B 7 22.83 15.33 -29.70
N ILE B 8 23.61 14.38 -29.19
CA ILE B 8 23.12 13.49 -28.15
C ILE B 8 22.94 14.26 -26.83
N PHE B 9 23.93 15.11 -26.49
CA PHE B 9 23.84 15.92 -25.28
C PHE B 9 22.58 16.76 -25.31
N GLU B 10 22.35 17.44 -26.45
CA GLU B 10 21.22 18.36 -26.55
C GLU B 10 19.90 17.62 -26.51
N ARG B 11 19.81 16.44 -27.16
CA ARG B 11 18.53 15.75 -27.13
C ARG B 11 18.17 15.32 -25.70
N GLU B 12 19.15 14.80 -24.95
CA GLU B 12 18.85 14.41 -23.57
C GLU B 12 18.49 15.63 -22.74
N TYR B 13 19.18 16.74 -22.98
CA TYR B 13 18.91 17.96 -22.22
C TYR B 13 17.48 18.44 -22.45
N LYS B 14 16.97 18.26 -23.67
CA LYS B 14 15.63 18.72 -24.01
C LYS B 14 14.54 17.82 -23.44
N TYR B 15 14.73 16.48 -23.52
CA TYR B 15 13.61 15.57 -23.25
C TYR B 15 13.76 14.74 -21.98
N GLY B 16 14.91 14.73 -21.34
CA GLY B 16 15.13 13.88 -20.19
C GLY B 16 15.27 14.74 -18.95
N ALA B 17 14.90 14.16 -17.81
CA ALA B 17 15.12 14.86 -16.56
C ALA B 17 16.62 15.18 -16.38
N HIS B 18 16.89 16.21 -15.60
CA HIS B 18 18.25 16.71 -15.31
C HIS B 18 18.74 16.25 -13.93
N ASN B 19 18.51 15.00 -13.60
CA ASN B 19 18.91 14.44 -12.31
C ASN B 19 20.33 13.91 -12.34
N TYR B 20 20.96 13.95 -13.50
CA TYR B 20 22.34 13.58 -13.67
C TYR B 20 23.05 14.71 -14.38
N HIS B 21 24.33 14.88 -14.06
CA HIS B 21 25.25 15.69 -14.85
C HIS B 21 26.38 14.78 -15.31
N PRO B 22 26.29 14.18 -16.49
CA PRO B 22 27.30 13.21 -16.88
C PRO B 22 28.56 13.87 -17.43
N LEU B 23 29.63 13.11 -17.38
CA LEU B 23 30.85 13.47 -18.10
C LEU B 23 30.50 13.58 -19.58
N PRO B 24 30.88 14.68 -20.24
CA PRO B 24 30.49 14.84 -21.66
C PRO B 24 31.19 13.85 -22.60
N VAL B 25 30.62 12.66 -22.69
CA VAL B 25 31.06 11.68 -23.65
C VAL B 25 29.83 10.86 -24.02
N ALA B 26 29.73 10.42 -25.29
CA ALA B 26 28.50 9.80 -25.78
C ALA B 26 28.83 8.46 -26.40
N LEU B 27 28.62 7.38 -25.66
CA LEU B 27 29.06 6.06 -26.06
C LEU B 27 27.99 5.37 -26.88
N GLU B 28 28.42 4.62 -27.88
CA GLU B 28 27.47 3.77 -28.57
C GLU B 28 27.85 2.30 -28.55
N ARG B 29 29.08 1.95 -28.16
CA ARG B 29 29.40 0.54 -28.13
C ARG B 29 30.32 0.22 -26.98
N GLY B 30 30.21 -1.00 -26.44
CA GLY B 30 31.20 -1.40 -25.45
C GLY B 30 31.51 -2.86 -25.54
N LYS B 31 32.78 -3.23 -25.30
CA LYS B 31 33.15 -4.65 -25.29
C LYS B 31 34.33 -4.83 -24.36
N GLY B 32 34.24 -5.81 -23.47
CA GLY B 32 35.33 -6.03 -22.55
C GLY B 32 35.59 -4.76 -21.75
N ILE B 33 36.84 -4.31 -21.73
CA ILE B 33 37.20 -3.14 -20.95
C ILE B 33 37.02 -1.84 -21.74
N TYR B 34 36.51 -1.90 -22.97
CA TYR B 34 36.59 -0.74 -23.85
C TYR B 34 35.22 -0.18 -24.13
N LEU B 35 35.17 1.14 -24.39
CA LEU B 35 33.95 1.84 -24.81
C LEU B 35 34.28 2.70 -26.01
N TRP B 36 33.34 2.79 -26.96
CA TRP B 36 33.49 3.64 -28.13
C TRP B 36 32.36 4.67 -28.17
N ASP B 37 32.72 5.92 -28.47
CA ASP B 37 31.71 6.94 -28.62
C ASP B 37 31.22 6.95 -30.06
N VAL B 38 30.27 7.85 -30.36
CA VAL B 38 29.63 7.80 -31.67
C VAL B 38 30.55 8.30 -32.76
N GLU B 39 31.58 9.04 -32.40
CA GLU B 39 32.59 9.44 -33.37
C GLU B 39 33.64 8.36 -33.59
N GLY B 40 33.55 7.21 -32.90
CA GLY B 40 34.49 6.12 -33.10
C GLY B 40 35.73 6.16 -32.24
N ARG B 41 35.82 7.07 -31.28
CA ARG B 41 36.97 7.11 -30.38
C ARG B 41 36.84 6.03 -29.31
N LYS B 42 37.99 5.47 -28.89
CA LYS B 42 38.04 4.35 -27.97
C LYS B 42 38.52 4.81 -26.59
N TYR B 43 37.93 4.25 -25.54
CA TYR B 43 38.26 4.62 -24.17
C TYR B 43 38.37 3.38 -23.30
N PHE B 44 39.33 3.39 -22.38
CA PHE B 44 39.27 2.49 -21.23
C PHE B 44 38.10 2.88 -20.31
N ASP B 45 37.27 1.89 -19.93
CA ASP B 45 36.22 2.12 -18.94
C ASP B 45 36.81 1.93 -17.54
N PHE B 46 36.97 3.02 -16.78
CA PHE B 46 37.46 2.90 -15.41
C PHE B 46 36.38 3.23 -14.39
N LEU B 47 35.14 3.05 -14.79
CA LEU B 47 34.00 3.21 -13.94
C LEU B 47 33.17 1.93 -13.85
N SER B 48 33.16 1.11 -14.92
CA SER B 48 32.43 -0.16 -14.99
C SER B 48 30.98 -0.05 -14.55
N SER B 49 30.34 1.09 -14.87
CA SER B 49 28.94 1.33 -14.48
C SER B 49 28.74 1.14 -12.98
N TYR B 50 29.68 1.72 -12.21
CA TYR B 50 29.72 1.58 -10.76
C TYR B 50 29.88 0.13 -10.34
N SER B 51 30.72 -0.59 -11.07
CA SER B 51 31.01 -1.98 -10.79
C SER B 51 29.80 -2.86 -11.10
N ALA B 52 29.06 -2.52 -12.14
CA ALA B 52 28.06 -3.46 -12.63
C ALA B 52 28.57 -4.29 -13.81
N VAL B 53 29.63 -3.86 -14.51
CA VAL B 53 30.12 -4.68 -15.62
C VAL B 53 31.48 -5.25 -15.23
N ASN B 54 31.51 -5.98 -14.12
CA ASN B 54 32.74 -6.67 -13.70
C ASN B 54 33.26 -7.59 -14.80
N GLN B 55 32.34 -8.22 -15.53
CA GLN B 55 32.68 -9.18 -16.57
C GLN B 55 33.07 -8.52 -17.88
N GLY B 56 33.17 -7.21 -17.94
CA GLY B 56 33.32 -6.53 -19.21
C GLY B 56 31.98 -6.33 -19.89
N HIS B 57 31.95 -5.31 -20.75
CA HIS B 57 30.77 -5.01 -21.55
C HIS B 57 30.42 -6.17 -22.48
N CYS B 58 29.14 -6.50 -22.54
CA CYS B 58 28.64 -7.44 -23.55
C CYS B 58 29.45 -8.74 -23.53
N HIS B 59 29.64 -9.30 -22.34
CA HIS B 59 30.36 -10.56 -22.26
C HIS B 59 29.59 -11.62 -23.07
N PRO B 60 30.25 -12.28 -24.03
CA PRO B 60 29.49 -13.17 -24.94
C PRO B 60 28.75 -14.32 -24.25
N LYS B 61 29.22 -14.85 -23.12
CA LYS B 61 28.47 -15.94 -22.49
C LYS B 61 27.19 -15.43 -21.88
N ILE B 62 27.23 -14.23 -21.29
CA ILE B 62 26.02 -13.64 -20.76
C ILE B 62 25.07 -13.23 -21.89
N VAL B 63 25.61 -12.63 -22.95
CA VAL B 63 24.80 -12.30 -24.13
C VAL B 63 24.11 -13.53 -24.69
N ASN B 64 24.83 -14.65 -24.77
CA ASN B 64 24.22 -15.85 -25.33
C ASN B 64 23.18 -16.46 -24.41
N ALA B 65 23.37 -16.38 -23.08
CA ALA B 65 22.29 -16.77 -22.18
C ALA B 65 21.03 -15.95 -22.44
N LEU B 66 21.19 -14.63 -22.56
CA LEU B 66 20.02 -13.80 -22.73
C LEU B 66 19.33 -14.16 -24.04
N LYS B 67 20.13 -14.35 -25.09
CA LYS B 67 19.59 -14.65 -26.41
C LYS B 67 18.88 -16.00 -26.42
N SER B 68 19.39 -16.96 -25.66
CA SER B 68 18.78 -18.26 -25.69
C SER B 68 17.41 -18.22 -25.00
N GLN B 69 17.30 -17.44 -23.92
CA GLN B 69 16.05 -17.47 -23.16
C GLN B 69 14.97 -16.54 -23.70
N VAL B 70 15.36 -15.46 -24.39
CA VAL B 70 14.37 -14.44 -24.74
C VAL B 70 13.37 -14.93 -25.81
N ASP B 71 13.73 -15.93 -26.64
CA ASP B 71 12.82 -16.58 -27.57
C ASP B 71 11.88 -17.59 -26.90
N LYS B 72 12.15 -17.94 -25.64
CA LYS B 72 11.43 -18.98 -24.93
C LYS B 72 10.34 -18.41 -24.04
N LEU B 73 10.72 -17.55 -23.09
CA LEU B 73 9.83 -17.08 -22.03
C LEU B 73 10.55 -16.02 -21.21
N THR B 74 9.95 -14.85 -21.01
CA THR B 74 10.67 -13.82 -20.30
C THR B 74 9.98 -13.35 -19.02
N LEU B 75 8.66 -13.43 -18.92
CA LEU B 75 7.99 -12.94 -17.73
C LEU B 75 6.68 -13.68 -17.56
N THR B 76 6.53 -14.36 -16.43
CA THR B 76 5.26 -14.93 -16.01
C THR B 76 4.66 -14.20 -14.82
N SER B 77 5.49 -13.44 -14.10
CA SER B 77 5.28 -13.03 -12.72
C SER B 77 5.36 -14.25 -11.82
N ARG B 78 5.60 -14.01 -10.55
CA ARG B 78 5.66 -15.10 -9.59
C ARG B 78 4.26 -15.54 -9.15
N ALA B 79 3.17 -15.04 -9.78
CA ALA B 79 1.85 -15.68 -9.61
C ALA B 79 1.82 -17.11 -10.12
N PHE B 80 2.71 -17.45 -11.04
CA PHE B 80 2.96 -18.79 -11.54
C PHE B 80 4.42 -19.12 -11.30
N TYR B 81 4.77 -20.41 -11.45
CA TYR B 81 6.15 -20.86 -11.52
C TYR B 81 6.63 -20.88 -12.98
N ASN B 82 7.94 -20.79 -13.15
CA ASN B 82 8.57 -21.20 -14.40
C ASN B 82 9.73 -22.15 -14.10
N ASN B 83 10.38 -22.57 -15.17
CA ASN B 83 11.39 -23.61 -15.02
C ASN B 83 12.78 -23.07 -14.72
N VAL B 84 12.98 -21.75 -14.75
CA VAL B 84 14.31 -21.16 -14.60
C VAL B 84 14.57 -20.68 -13.17
N LEU B 85 13.59 -20.05 -12.52
CA LEU B 85 13.84 -19.40 -11.23
C LEU B 85 14.43 -20.38 -10.20
N GLY B 86 13.84 -21.58 -10.10
CA GLY B 86 14.36 -22.59 -9.17
C GLY B 86 15.80 -22.98 -9.43
N GLU B 87 16.17 -23.14 -10.69
CA GLU B 87 17.54 -23.50 -11.00
C GLU B 87 18.50 -22.40 -10.55
N TYR B 88 18.09 -21.14 -10.75
CA TYR B 88 18.94 -20.06 -10.32
C TYR B 88 19.02 -20.00 -8.82
N GLU B 89 17.89 -20.19 -8.14
CA GLU B 89 17.87 -20.06 -6.68
C GLU B 89 18.74 -21.13 -6.05
N GLU B 90 18.69 -22.35 -6.61
CA GLU B 90 19.56 -23.42 -6.12
C GLU B 90 21.02 -23.08 -6.36
N TYR B 91 21.33 -22.54 -7.55
CA TYR B 91 22.70 -22.17 -7.88
C TYR B 91 23.27 -21.14 -6.90
N ILE B 92 22.55 -20.05 -6.68
CA ILE B 92 23.15 -18.93 -5.97
C ILE B 92 23.15 -19.17 -4.48
N THR B 93 22.13 -19.85 -3.94
CA THR B 93 22.20 -20.18 -2.52
C THR B 93 23.30 -21.21 -2.26
N LYS B 94 23.49 -22.17 -3.16
CA LYS B 94 24.61 -23.07 -2.96
C LYS B 94 25.96 -22.39 -3.20
N LEU B 95 26.02 -21.40 -4.09
CA LEU B 95 27.29 -20.68 -4.27
C LEU B 95 27.67 -19.93 -3.00
N PHE B 96 26.74 -19.18 -2.42
CA PHE B 96 27.09 -18.34 -1.28
C PHE B 96 26.73 -18.97 0.06
N ASN B 97 26.17 -20.19 0.06
CA ASN B 97 25.95 -20.96 1.29
C ASN B 97 24.97 -20.27 2.24
N TYR B 98 23.81 -19.87 1.70
CA TYR B 98 22.68 -19.42 2.49
C TYR B 98 21.50 -20.32 2.14
N HIS B 99 20.55 -20.46 3.07
CA HIS B 99 19.41 -21.32 2.78
C HIS B 99 18.61 -20.81 1.59
N LYS B 100 18.39 -19.50 1.54
CA LYS B 100 17.39 -19.00 0.59
C LYS B 100 17.85 -17.69 -0.02
N VAL B 101 17.19 -17.37 -1.15
CA VAL B 101 17.37 -16.11 -1.87
C VAL B 101 15.99 -15.50 -2.11
N LEU B 102 15.91 -14.17 -2.01
CA LEU B 102 14.72 -13.42 -2.41
C LEU B 102 15.13 -12.54 -3.57
N PRO B 103 14.60 -12.81 -4.78
CA PRO B 103 15.03 -12.10 -5.98
C PRO B 103 14.31 -10.76 -6.15
N MET B 104 15.09 -9.72 -6.44
CA MET B 104 14.52 -8.44 -6.82
C MET B 104 15.23 -7.95 -8.07
N ASN B 105 15.02 -6.69 -8.43
CA ASN B 105 15.58 -6.17 -9.66
C ASN B 105 16.74 -5.22 -9.44
N THR B 106 16.57 -4.22 -8.58
CA THR B 106 17.58 -3.19 -8.43
C THR B 106 18.20 -3.24 -7.04
N GLY B 107 19.32 -2.53 -6.89
CA GLY B 107 20.05 -2.57 -5.63
C GLY B 107 19.22 -2.03 -4.50
N VAL B 108 18.51 -0.94 -4.76
CA VAL B 108 17.79 -0.30 -3.67
C VAL B 108 16.65 -1.19 -3.24
N GLU B 109 16.06 -1.96 -4.17
CA GLU B 109 14.99 -2.88 -3.82
C GLU B 109 15.50 -4.01 -2.93
N ALA B 110 16.69 -4.54 -3.21
CA ALA B 110 17.27 -5.51 -2.31
C ALA B 110 17.47 -4.90 -0.93
N GLY B 111 17.91 -3.64 -0.87
CA GLY B 111 18.06 -2.99 0.43
C GLY B 111 16.75 -2.81 1.18
N GLU B 112 15.72 -2.33 0.46
CA GLU B 112 14.39 -2.23 1.04
C GLU B 112 13.92 -3.58 1.57
N THR B 113 14.17 -4.63 0.81
CA THR B 113 13.78 -5.96 1.22
C THR B 113 14.50 -6.39 2.49
N ALA B 114 15.79 -6.06 2.59
CA ALA B 114 16.54 -6.40 3.78
C ALA B 114 16.01 -5.65 4.99
N CYS B 115 15.62 -4.38 4.78
CA CYS B 115 15.06 -3.60 5.87
C CYS B 115 13.76 -4.22 6.34
N LYS B 116 12.93 -4.66 5.37
CA LYS B 116 11.66 -5.29 5.72
C LYS B 116 11.87 -6.63 6.45
N LEU B 117 12.81 -7.44 6.00
CA LEU B 117 13.12 -8.68 6.71
C LEU B 117 13.62 -8.39 8.13
N ALA B 118 14.49 -7.39 8.28
CA ALA B 118 15.03 -7.08 9.60
C ALA B 118 13.93 -6.65 10.55
N ARG B 119 13.02 -5.76 10.08
CA ARG B 119 11.94 -5.34 10.98
C ARG B 119 11.02 -6.51 11.29
N LYS B 120 10.65 -7.30 10.28
CA LYS B 120 9.73 -8.40 10.50
C LYS B 120 10.33 -9.39 11.48
N TRP B 121 11.64 -9.66 11.33
CA TRP B 121 12.35 -10.55 12.21
C TRP B 121 12.43 -9.95 13.61
N GLY B 122 12.60 -8.62 13.69
CA GLY B 122 12.64 -7.96 14.99
C GLY B 122 11.34 -8.10 15.74
N TYR B 123 10.21 -7.99 15.03
CA TYR B 123 8.91 -8.08 15.69
C TYR B 123 8.50 -9.51 15.97
N THR B 124 8.81 -10.48 15.07
CA THR B 124 8.28 -11.84 15.20
C THR B 124 9.25 -12.81 15.84
N VAL B 125 10.55 -12.51 15.87
CA VAL B 125 11.53 -13.42 16.45
C VAL B 125 12.19 -12.74 17.64
N LYS B 126 12.83 -11.58 17.43
CA LYS B 126 13.55 -10.96 18.54
C LYS B 126 12.60 -10.52 19.67
N GLY B 127 11.41 -10.03 19.30
CA GLY B 127 10.41 -9.64 20.25
C GLY B 127 10.26 -8.15 20.49
N ILE B 128 10.76 -7.31 19.58
CA ILE B 128 10.56 -5.87 19.70
C ILE B 128 9.07 -5.55 19.59
N GLN B 129 8.62 -4.59 20.39
CA GLN B 129 7.24 -4.15 20.35
C GLN B 129 6.94 -3.42 19.03
N LYS B 130 5.76 -3.65 18.49
CA LYS B 130 5.53 -3.27 17.10
C LYS B 130 5.66 -1.79 16.86
N TYR B 131 6.56 -1.56 15.92
CA TYR B 131 6.97 -0.40 15.21
C TYR B 131 7.95 0.41 16.04
N LYS B 132 8.54 -0.23 17.08
CA LYS B 132 9.71 0.34 17.77
C LYS B 132 11.04 -0.14 17.22
N ALA B 133 11.06 -0.97 16.18
CA ALA B 133 12.32 -1.53 15.69
C ALA B 133 13.14 -0.46 15.00
N LYS B 134 14.45 -0.47 15.24
CA LYS B 134 15.39 0.45 14.61
C LYS B 134 16.37 -0.31 13.72
N ILE B 135 16.79 0.36 12.65
CA ILE B 135 17.92 -0.10 11.85
C ILE B 135 19.00 0.96 11.93
N VAL B 136 20.24 0.54 12.18
CA VAL B 136 21.40 1.42 12.21
C VAL B 136 22.14 1.31 10.89
N PHE B 137 22.68 2.46 10.41
CA PHE B 137 23.43 2.62 9.19
C PHE B 137 24.70 3.37 9.52
N ALA B 138 25.66 3.36 8.59
CA ALA B 138 26.88 4.13 8.79
C ALA B 138 26.85 5.40 7.94
N ALA B 139 27.18 6.52 8.56
CA ALA B 139 27.43 7.78 7.81
C ALA B 139 28.31 7.51 6.58
N GLY B 140 27.98 8.19 5.49
CA GLY B 140 28.62 7.92 4.22
C GLY B 140 27.95 6.85 3.38
N ASN B 141 26.94 6.16 3.91
CA ASN B 141 26.38 5.04 3.14
C ASN B 141 25.60 5.54 1.93
N PHE B 142 25.57 4.70 0.89
CA PHE B 142 24.69 4.92 -0.26
C PHE B 142 24.08 3.58 -0.62
N TRP B 143 22.75 3.48 -0.61
CA TRP B 143 22.16 2.26 -1.12
C TRP B 143 20.97 2.53 -2.04
N GLY B 144 20.91 3.71 -2.66
CA GLY B 144 19.87 3.99 -3.63
C GLY B 144 19.12 5.25 -3.27
N ARG B 145 18.00 5.47 -3.96
CA ARG B 145 17.34 6.77 -3.93
C ARG B 145 15.85 6.73 -3.60
N THR B 146 15.35 5.64 -3.03
CA THR B 146 14.00 5.71 -2.50
C THR B 146 13.96 6.61 -1.29
N LEU B 147 12.73 6.93 -0.86
CA LEU B 147 12.57 7.76 0.33
C LEU B 147 13.20 7.10 1.56
N SER B 148 12.97 5.79 1.73
CA SER B 148 13.65 5.04 2.80
C SER B 148 15.17 5.15 2.70
N ALA B 149 15.73 4.97 1.50
CA ALA B 149 17.18 4.95 1.38
C ALA B 149 17.79 6.33 1.63
N ILE B 150 17.16 7.41 1.14
CA ILE B 150 17.76 8.71 1.44
C ILE B 150 17.53 9.05 2.90
N SER B 151 16.59 8.36 3.54
CA SER B 151 16.31 8.62 4.94
C SER B 151 17.45 8.17 5.84
N SER B 152 18.44 7.47 5.30
CA SER B 152 19.62 7.02 6.05
C SER B 152 20.88 7.72 5.57
N SER B 153 20.76 8.73 4.73
CA SER B 153 21.93 9.28 4.08
C SER B 153 22.43 10.47 4.90
N THR B 154 23.75 10.66 4.90
CA THR B 154 24.31 11.89 5.44
C THR B 154 24.68 12.89 4.34
N ASP B 155 24.33 12.60 3.07
CA ASP B 155 24.68 13.49 1.96
C ASP B 155 23.50 14.43 1.72
N PRO B 156 23.64 15.73 1.94
CA PRO B 156 22.50 16.65 1.75
C PRO B 156 21.92 16.61 0.35
N THR B 157 22.73 16.30 -0.66
CA THR B 157 22.17 16.22 -2.01
C THR B 157 21.17 15.08 -2.12
N SER B 158 21.35 14.02 -1.32
CA SER B 158 20.41 12.91 -1.36
C SER B 158 19.11 13.26 -0.66
N TYR B 159 19.18 13.85 0.55
CA TYR B 159 17.99 13.94 1.37
C TYR B 159 17.29 15.29 1.33
N ASP B 160 18.00 16.38 1.00
CA ASP B 160 17.43 17.71 1.17
C ASP B 160 16.25 17.96 0.22
N GLY B 161 15.15 18.47 0.77
CA GLY B 161 13.93 18.73 -0.01
C GLY B 161 13.08 17.51 -0.32
N PHE B 162 13.40 16.33 0.23
CA PHE B 162 12.64 15.13 -0.09
C PHE B 162 11.82 14.61 1.08
N GLY B 163 11.45 15.51 1.99
CA GLY B 163 10.12 15.45 2.63
C GLY B 163 10.40 14.73 3.89
N PRO B 164 9.39 14.51 4.73
CA PRO B 164 9.64 13.85 6.04
C PRO B 164 10.36 12.53 5.81
N PHE B 165 11.16 12.14 6.79
CA PHE B 165 11.99 10.97 6.59
C PHE B 165 11.49 9.80 7.41
N MET B 166 11.94 8.62 6.99
CA MET B 166 11.55 7.38 7.59
C MET B 166 12.03 7.31 9.04
N PRO B 167 11.16 7.02 10.00
CA PRO B 167 11.61 6.83 11.40
C PRO B 167 12.31 5.48 11.58
N GLY B 168 13.05 5.36 12.70
CA GLY B 168 13.70 4.11 13.09
C GLY B 168 14.97 3.83 12.33
N PHE B 169 15.45 4.82 11.59
CA PHE B 169 16.71 4.77 10.85
C PHE B 169 17.70 5.65 11.60
N ASP B 170 18.70 5.02 12.21
CA ASP B 170 19.71 5.74 12.98
C ASP B 170 21.06 5.62 12.29
N ILE B 171 21.92 6.63 12.47
CA ILE B 171 23.16 6.78 11.73
C ILE B 171 24.32 6.95 12.72
N ILE B 172 25.35 6.12 12.58
CA ILE B 172 26.58 6.21 13.38
C ILE B 172 27.75 6.39 12.41
N PRO B 173 28.87 6.87 12.91
CA PRO B 173 30.03 7.00 12.03
C PRO B 173 30.55 5.66 11.51
N TYR B 174 31.06 5.69 10.29
CA TYR B 174 31.68 4.52 9.69
C TYR B 174 33.01 4.21 10.36
N ASN B 175 33.37 2.92 10.35
CA ASN B 175 34.69 2.50 10.82
C ASN B 175 34.88 2.87 12.30
N ASP B 176 33.83 2.68 13.08
CA ASP B 176 33.78 3.19 14.46
C ASP B 176 33.08 2.13 15.30
N LEU B 177 33.85 1.13 15.78
CA LEU B 177 33.23 0.05 16.57
C LEU B 177 32.61 0.51 17.89
N PRO B 178 33.22 1.41 18.69
CA PRO B 178 32.55 1.81 19.95
C PRO B 178 31.20 2.48 19.69
N ALA B 179 31.08 3.25 18.60
CA ALA B 179 29.78 3.81 18.23
C ALA B 179 28.76 2.72 17.95
N LEU B 180 29.19 1.64 17.27
CA LEU B 180 28.27 0.54 17.01
C LEU B 180 27.86 -0.13 18.31
N GLU B 181 28.85 -0.42 19.18
CA GLU B 181 28.54 -0.93 20.52
C GLU B 181 27.53 -0.03 21.25
N ARG B 182 27.73 1.29 21.16
CA ARG B 182 26.84 2.19 21.87
C ARG B 182 25.44 2.12 21.30
N ALA B 183 25.33 2.07 19.97
CA ALA B 183 24.03 1.99 19.33
C ALA B 183 23.32 0.70 19.72
N LEU B 184 24.06 -0.41 19.75
CA LEU B 184 23.50 -1.73 19.99
C LEU B 184 23.16 -1.98 21.46
N GLN B 185 23.55 -1.10 22.38
CA GLN B 185 22.96 -1.13 23.73
C GLN B 185 21.43 -1.17 23.69
N ASP B 186 20.80 -0.50 22.73
CA ASP B 186 19.33 -0.44 22.67
C ASP B 186 18.78 -1.75 22.13
N PRO B 187 18.02 -2.51 22.92
CA PRO B 187 17.48 -3.79 22.45
C PRO B 187 16.44 -3.64 21.34
N ASN B 188 15.91 -2.43 21.07
CA ASN B 188 15.00 -2.28 19.94
C ASN B 188 15.73 -2.24 18.58
N VAL B 189 17.06 -2.26 18.54
CA VAL B 189 17.76 -2.26 17.26
C VAL B 189 17.64 -3.64 16.64
N ALA B 190 17.18 -3.69 15.40
CA ALA B 190 16.98 -4.97 14.74
C ALA B 190 18.14 -5.36 13.85
N ALA B 191 18.81 -4.39 13.23
CA ALA B 191 19.85 -4.69 12.25
C ALA B 191 20.79 -3.50 12.15
N PHE B 192 21.99 -3.79 11.66
CA PHE B 192 22.99 -2.82 11.24
C PHE B 192 23.29 -3.14 9.78
N MET B 193 23.06 -2.17 8.91
CA MET B 193 23.31 -2.33 7.49
C MET B 193 24.56 -1.53 7.15
N VAL B 194 25.47 -2.14 6.40
CA VAL B 194 26.77 -1.52 6.21
C VAL B 194 27.44 -2.10 4.97
N GLU B 195 28.19 -1.24 4.25
CA GLU B 195 29.05 -1.62 3.13
C GLU B 195 30.40 -2.06 3.68
N PRO B 196 30.95 -3.19 3.24
CA PRO B 196 32.30 -3.57 3.72
C PRO B 196 33.38 -2.61 3.27
N ILE B 197 33.12 -1.88 2.19
CA ILE B 197 33.91 -0.75 1.70
C ILE B 197 32.90 0.21 1.10
N GLN B 198 32.97 1.51 1.44
CA GLN B 198 31.90 2.44 1.06
C GLN B 198 32.19 2.97 -0.32
N GLY B 199 31.35 2.60 -1.30
CA GLY B 199 31.66 2.91 -2.69
C GLY B 199 31.39 4.34 -3.11
N GLU B 200 30.12 4.74 -3.03
CA GLU B 200 29.73 6.09 -3.43
C GLU B 200 30.42 7.13 -2.55
N ALA B 201 30.72 6.78 -1.30
CA ALA B 201 31.47 7.70 -0.43
C ALA B 201 32.88 7.95 -0.93
N GLY B 202 33.41 7.12 -1.83
CA GLY B 202 34.72 7.40 -2.38
C GLY B 202 35.72 6.32 -2.03
N VAL B 203 35.26 5.08 -1.98
CA VAL B 203 36.11 3.91 -1.74
C VAL B 203 36.75 4.08 -0.37
N VAL B 204 35.92 4.18 0.66
CA VAL B 204 36.38 4.38 2.03
C VAL B 204 36.54 2.97 2.62
N VAL B 205 37.78 2.52 2.71
CA VAL B 205 38.11 1.19 3.23
C VAL B 205 38.28 1.31 4.74
N PRO B 206 37.56 0.55 5.53
CA PRO B 206 37.68 0.66 6.98
C PRO B 206 38.95 -0.05 7.45
N ASP B 207 39.28 0.16 8.72
CA ASP B 207 40.49 -0.46 9.26
C ASP B 207 40.34 -1.97 9.32
N PRO B 208 41.45 -2.72 9.18
CA PRO B 208 41.38 -4.17 9.33
C PRO B 208 40.82 -4.55 10.68
N GLY B 209 39.94 -5.55 10.69
CA GLY B 209 39.26 -5.95 11.88
C GLY B 209 37.94 -5.25 12.12
N TYR B 210 37.63 -4.21 11.34
CA TYR B 210 36.33 -3.57 11.50
C TYR B 210 35.21 -4.58 11.28
N LEU B 211 35.27 -5.32 10.16
CA LEU B 211 34.16 -6.23 9.84
C LEU B 211 34.05 -7.37 10.88
N MET B 212 35.19 -7.87 11.36
CA MET B 212 35.17 -8.87 12.45
C MET B 212 34.45 -8.33 13.67
N GLY B 213 34.75 -7.08 14.04
CA GLY B 213 34.13 -6.50 15.21
C GLY B 213 32.65 -6.26 15.01
N VAL B 214 32.26 -5.84 13.80
CA VAL B 214 30.84 -5.70 13.48
C VAL B 214 30.13 -7.02 13.71
N ARG B 215 30.70 -8.11 13.17
CA ARG B 215 30.12 -9.43 13.33
C ARG B 215 29.96 -9.78 14.81
N GLU B 216 31.03 -9.62 15.59
CA GLU B 216 30.96 -9.99 17.00
C GLU B 216 29.96 -9.13 17.77
N LEU B 217 29.90 -7.80 17.49
CA LEU B 217 28.95 -6.93 18.18
C LEU B 217 27.50 -7.24 17.80
N CYS B 218 27.24 -7.52 16.51
CA CYS B 218 25.88 -7.87 16.09
C CYS B 218 25.42 -9.18 16.75
N THR B 219 26.29 -10.20 16.75
CA THR B 219 25.97 -11.47 17.41
C THR B 219 25.73 -11.27 18.90
N ARG B 220 26.64 -10.57 19.59
CA ARG B 220 26.50 -10.39 21.03
C ARG B 220 25.20 -9.67 21.40
N HIS B 221 24.74 -8.74 20.56
CA HIS B 221 23.56 -7.96 20.89
C HIS B 221 22.30 -8.48 20.18
N GLN B 222 22.37 -9.65 19.54
CA GLN B 222 21.24 -10.25 18.81
C GLN B 222 20.69 -9.23 17.80
N VAL B 223 21.59 -8.73 16.95
CA VAL B 223 21.28 -7.76 15.90
C VAL B 223 21.69 -8.36 14.58
N LEU B 224 20.84 -8.19 13.55
CA LEU B 224 21.13 -8.74 12.24
C LEU B 224 22.21 -7.93 11.55
N PHE B 225 23.22 -8.61 11.03
CA PHE B 225 24.30 -7.95 10.31
C PHE B 225 23.98 -8.06 8.82
N ILE B 226 23.67 -6.92 8.20
CA ILE B 226 23.34 -6.83 6.77
C ILE B 226 24.54 -6.24 6.04
N ALA B 227 25.17 -7.03 5.16
CA ALA B 227 26.29 -6.55 4.37
C ALA B 227 25.73 -6.20 3.01
N ASP B 228 25.79 -4.90 2.69
CA ASP B 228 25.51 -4.44 1.34
C ASP B 228 26.74 -4.70 0.50
N GLU B 229 26.69 -5.74 -0.34
CA GLU B 229 27.77 -6.07 -1.27
C GLU B 229 27.34 -5.85 -2.73
N ILE B 230 26.43 -4.92 -2.93
CA ILE B 230 25.96 -4.60 -4.29
C ILE B 230 27.12 -4.08 -5.14
N GLN B 231 28.03 -3.32 -4.53
CA GLN B 231 29.18 -2.81 -5.27
C GLN B 231 30.50 -3.55 -4.99
N THR B 232 30.75 -3.96 -3.74
CA THR B 232 31.99 -4.66 -3.41
C THR B 232 31.99 -6.16 -3.72
N GLY B 233 30.82 -6.78 -3.93
CA GLY B 233 30.76 -8.21 -4.13
C GLY B 233 31.18 -8.64 -5.54
N LEU B 234 31.13 -9.97 -5.76
CA LEU B 234 31.28 -10.60 -7.07
C LEU B 234 32.62 -10.24 -7.72
N ALA B 235 33.69 -10.37 -6.95
CA ALA B 235 35.08 -10.40 -7.37
C ALA B 235 35.68 -8.99 -7.49
N ARG B 236 34.88 -7.94 -7.42
CA ARG B 236 35.37 -6.57 -7.59
C ARG B 236 36.57 -6.25 -6.70
N THR B 237 36.50 -6.57 -5.39
CA THR B 237 37.58 -6.29 -4.47
C THR B 237 38.64 -7.41 -4.40
N GLY B 238 38.51 -8.49 -5.16
CA GLY B 238 39.46 -9.60 -5.13
C GLY B 238 39.02 -10.84 -4.38
N ARG B 239 37.74 -10.95 -4.05
CA ARG B 239 37.13 -12.06 -3.32
C ARG B 239 35.69 -12.14 -3.79
N TRP B 240 35.04 -13.29 -3.55
CA TRP B 240 33.63 -13.39 -3.93
C TRP B 240 32.78 -12.34 -3.21
N LEU B 241 33.05 -12.12 -1.92
CA LEU B 241 32.50 -11.02 -1.14
C LEU B 241 33.66 -10.31 -0.46
N ALA B 242 33.60 -8.98 -0.41
CA ALA B 242 34.61 -8.22 0.34
C ALA B 242 34.69 -8.67 1.81
N VAL B 243 33.58 -9.11 2.41
CA VAL B 243 33.67 -9.60 3.80
C VAL B 243 34.52 -10.90 3.91
N ASP B 244 34.82 -11.56 2.77
CA ASP B 244 35.73 -12.71 2.79
C ASP B 244 37.13 -12.32 3.20
N TYR B 245 37.52 -11.04 3.05
CA TYR B 245 38.87 -10.68 3.47
C TYR B 245 39.06 -10.93 4.97
N GLU B 246 37.99 -10.85 5.75
CA GLU B 246 38.08 -11.02 7.19
C GLU B 246 37.39 -12.28 7.68
N ASN B 247 36.96 -13.13 6.76
CA ASN B 247 36.21 -14.35 7.07
C ASN B 247 34.95 -14.09 7.86
N VAL B 248 34.16 -13.05 7.53
CA VAL B 248 32.97 -12.78 8.33
C VAL B 248 31.72 -13.16 7.55
N ARG B 249 30.78 -13.76 8.24
CA ARG B 249 29.52 -14.21 7.66
C ARG B 249 28.40 -13.26 8.06
N PRO B 250 27.93 -12.39 7.18
CA PRO B 250 26.75 -11.58 7.52
C PRO B 250 25.51 -12.46 7.67
N ASP B 251 24.54 -11.93 8.41
CA ASP B 251 23.20 -12.53 8.49
C ASP B 251 22.41 -12.35 7.18
N ILE B 252 22.53 -11.17 6.54
CA ILE B 252 21.92 -10.95 5.23
C ILE B 252 22.98 -10.41 4.29
N VAL B 253 23.02 -10.92 3.06
CA VAL B 253 23.92 -10.37 2.05
C VAL B 253 23.09 -9.78 0.91
N LEU B 254 23.49 -8.58 0.45
CA LEU B 254 22.83 -7.94 -0.69
C LEU B 254 23.74 -8.05 -1.90
N LEU B 255 23.23 -8.60 -3.01
CA LEU B 255 23.93 -8.61 -4.29
C LEU B 255 23.11 -7.86 -5.33
N GLY B 256 23.80 -7.27 -6.29
CA GLY B 256 23.12 -6.60 -7.40
C GLY B 256 24.17 -6.30 -8.45
N LYS B 257 23.91 -5.27 -9.25
CA LYS B 257 24.91 -4.73 -10.18
C LYS B 257 25.50 -5.85 -11.07
N ALA B 258 26.72 -6.28 -10.76
CA ALA B 258 27.38 -7.28 -11.56
C ALA B 258 26.69 -8.65 -11.53
N LEU B 259 25.62 -8.80 -10.74
CA LEU B 259 24.93 -10.09 -10.70
C LEU B 259 24.43 -10.50 -12.08
N SER B 260 24.42 -9.55 -13.02
CA SER B 260 23.92 -9.75 -14.36
C SER B 260 24.90 -9.33 -15.44
N GLY B 261 26.08 -8.86 -15.08
CA GLY B 261 27.00 -8.41 -16.08
C GLY B 261 26.58 -7.15 -16.79
N GLY B 262 25.65 -6.38 -16.22
CA GLY B 262 25.08 -5.23 -16.90
C GLY B 262 23.98 -5.53 -17.92
N LEU B 263 23.64 -6.81 -18.15
CA LEU B 263 22.64 -7.12 -19.16
C LEU B 263 21.19 -6.99 -18.69
N TYR B 264 20.95 -6.86 -17.41
CA TYR B 264 19.60 -6.97 -16.88
C TYR B 264 19.63 -6.54 -15.41
N PRO B 265 18.64 -5.78 -14.93
CA PRO B 265 18.61 -5.42 -13.50
C PRO B 265 18.21 -6.60 -12.65
N VAL B 266 19.19 -7.29 -12.04
CA VAL B 266 18.95 -8.42 -11.15
C VAL B 266 19.60 -8.11 -9.78
N SER B 267 18.84 -8.29 -8.70
CA SER B 267 19.44 -8.15 -7.39
C SER B 267 18.97 -9.31 -6.53
N ALA B 268 19.67 -9.52 -5.41
CA ALA B 268 19.44 -10.71 -4.60
C ALA B 268 19.58 -10.37 -3.11
N VAL B 269 18.72 -10.98 -2.31
CA VAL B 269 18.78 -10.91 -0.86
C VAL B 269 19.01 -12.34 -0.35
N LEU B 270 20.20 -12.63 0.17
CA LEU B 270 20.51 -13.96 0.65
C LEU B 270 20.47 -14.03 2.17
N CYS B 271 19.74 -15.02 2.70
CA CYS B 271 19.83 -15.25 4.15
C CYS B 271 19.25 -16.63 4.46
N ASP B 272 19.45 -17.04 5.73
CA ASP B 272 19.00 -18.34 6.21
C ASP B 272 17.49 -18.33 6.52
N ASP B 273 16.94 -19.52 6.78
CA ASP B 273 15.48 -19.69 6.92
C ASP B 273 14.92 -18.88 8.11
N ASP B 274 15.64 -18.88 9.25
CA ASP B 274 15.16 -18.20 10.46
C ASP B 274 14.84 -16.72 10.21
N ILE B 275 15.48 -16.11 9.22
CA ILE B 275 15.19 -14.73 8.80
C ILE B 275 14.21 -14.68 7.64
N MET B 276 14.53 -15.40 6.56
CA MET B 276 13.77 -15.27 5.31
C MET B 276 12.31 -15.61 5.50
N LEU B 277 12.03 -16.68 6.23
CA LEU B 277 10.66 -17.15 6.35
C LEU B 277 9.83 -16.33 7.35
N THR B 278 10.39 -15.27 7.93
CA THR B 278 9.52 -14.29 8.59
C THR B 278 8.55 -13.62 7.62
N ILE B 279 8.79 -13.71 6.33
CA ILE B 279 7.90 -13.07 5.37
C ILE B 279 7.06 -14.18 4.74
N LYS B 280 5.73 -14.07 4.85
CA LYS B 280 4.78 -15.08 4.40
C LYS B 280 4.24 -14.78 2.99
N PRO B 281 3.55 -15.74 2.37
CA PRO B 281 3.00 -15.52 1.02
C PRO B 281 2.08 -14.31 0.98
N GLY B 282 2.30 -13.46 -0.02
CA GLY B 282 1.58 -12.22 -0.25
C GLY B 282 2.13 -11.01 0.46
N GLU B 283 3.18 -11.14 1.27
CA GLU B 283 3.62 -10.02 2.11
C GLU B 283 4.77 -9.23 1.51
N HIS B 284 5.23 -9.62 0.33
CA HIS B 284 6.35 -8.91 -0.32
C HIS B 284 6.51 -9.43 -1.74
N GLY B 285 6.99 -8.58 -2.64
CA GLY B 285 7.06 -8.99 -4.03
C GLY B 285 7.48 -7.87 -4.95
N SER B 286 7.39 -8.16 -6.25
CA SER B 286 7.86 -7.28 -7.31
C SER B 286 7.49 -7.91 -8.64
N THR B 287 6.92 -7.13 -9.57
CA THR B 287 6.46 -7.74 -10.83
C THR B 287 7.57 -8.53 -11.50
N TYR B 288 8.73 -7.89 -11.73
CA TYR B 288 9.83 -8.48 -12.48
C TYR B 288 10.75 -9.36 -11.62
N GLY B 289 10.58 -9.36 -10.29
CA GLY B 289 11.55 -10.05 -9.45
C GLY B 289 11.53 -11.54 -9.71
N GLY B 290 12.69 -12.15 -9.99
CA GLY B 290 12.73 -13.59 -10.21
C GLY B 290 12.29 -14.05 -11.59
N ASN B 291 12.27 -13.16 -12.59
CA ASN B 291 11.80 -13.56 -13.90
C ASN B 291 12.83 -14.43 -14.64
N PRO B 292 12.36 -15.29 -15.56
CA PRO B 292 13.27 -16.23 -16.25
C PRO B 292 14.45 -15.61 -16.96
N LEU B 293 14.24 -14.47 -17.61
CA LEU B 293 15.32 -13.84 -18.37
C LEU B 293 16.45 -13.36 -17.45
N GLY B 294 16.14 -12.49 -16.48
CA GLY B 294 17.15 -12.09 -15.52
C GLY B 294 17.83 -13.29 -14.87
N CYS B 295 17.05 -14.34 -14.58
CA CYS B 295 17.63 -15.51 -13.91
C CYS B 295 18.66 -16.22 -14.80
N ARG B 296 18.35 -16.45 -16.10
CA ARG B 296 19.35 -17.04 -17.00
C ARG B 296 20.58 -16.16 -17.11
N VAL B 297 20.36 -14.85 -17.21
CA VAL B 297 21.49 -13.93 -17.32
C VAL B 297 22.36 -14.00 -16.08
N ALA B 298 21.74 -14.11 -14.91
CA ALA B 298 22.47 -14.12 -13.64
C ALA B 298 23.28 -15.41 -13.47
N ILE B 299 22.70 -16.55 -13.82
CA ILE B 299 23.49 -17.79 -13.80
C ILE B 299 24.72 -17.63 -14.67
N ALA B 300 24.55 -17.13 -15.91
CA ALA B 300 25.72 -16.98 -16.77
C ALA B 300 26.73 -16.02 -16.16
N ALA B 301 26.26 -14.89 -15.62
CA ALA B 301 27.17 -13.87 -15.10
C ALA B 301 28.03 -14.41 -13.93
N LEU B 302 27.40 -15.16 -13.03
CA LEU B 302 28.15 -15.84 -11.95
C LEU B 302 29.14 -16.89 -12.50
N GLU B 303 28.70 -17.70 -13.44
CA GLU B 303 29.62 -18.67 -14.05
C GLU B 303 30.85 -17.99 -14.64
N VAL B 304 30.66 -16.84 -15.31
CA VAL B 304 31.82 -16.14 -15.86
C VAL B 304 32.78 -15.75 -14.74
N LEU B 305 32.25 -15.14 -13.66
CA LEU B 305 33.14 -14.78 -12.55
C LEU B 305 33.98 -15.97 -12.10
N GLU B 306 33.38 -17.17 -12.07
CA GLU B 306 34.14 -18.32 -11.56
C GLU B 306 35.10 -18.90 -12.61
N GLU B 307 34.59 -19.20 -13.80
CA GLU B 307 35.36 -19.83 -14.85
C GLU B 307 36.57 -18.99 -15.26
N GLU B 308 36.46 -17.67 -15.23
CA GLU B 308 37.58 -16.85 -15.67
C GLU B 308 38.49 -16.40 -14.52
N ASN B 309 38.22 -16.83 -13.28
CA ASN B 309 39.06 -16.52 -12.13
C ASN B 309 39.27 -15.02 -11.95
N LEU B 310 38.15 -14.27 -11.94
CA LEU B 310 38.24 -12.82 -11.96
C LEU B 310 38.57 -12.24 -10.59
N ALA B 311 38.22 -12.93 -9.50
CA ALA B 311 38.63 -12.47 -8.17
C ALA B 311 40.17 -12.41 -8.05
N GLU B 312 40.85 -13.47 -8.47
CA GLU B 312 42.30 -13.54 -8.32
C GLU B 312 43.01 -12.53 -9.24
N ASN B 313 42.47 -12.35 -10.44
CA ASN B 313 42.98 -11.31 -11.32
C ASN B 313 42.79 -9.91 -10.71
N ALA B 314 41.60 -9.64 -10.19
CA ALA B 314 41.35 -8.35 -9.52
C ALA B 314 42.33 -8.14 -8.36
N ASP B 315 42.62 -9.19 -7.58
CA ASP B 315 43.54 -9.04 -6.45
C ASP B 315 44.93 -8.61 -6.93
N LYS B 316 45.49 -9.40 -7.86
CA LYS B 316 46.86 -9.16 -8.35
C LYS B 316 46.96 -7.81 -9.06
N LEU B 317 45.99 -7.51 -9.92
CA LEU B 317 46.05 -6.26 -10.67
C LEU B 317 45.80 -5.04 -9.79
N GLY B 318 44.88 -5.14 -8.81
CA GLY B 318 44.74 -4.06 -7.84
C GLY B 318 46.01 -3.77 -7.05
N ILE B 319 46.75 -4.82 -6.68
CA ILE B 319 48.03 -4.57 -6.00
C ILE B 319 48.93 -3.75 -6.91
N ILE B 320 48.95 -4.09 -8.20
CA ILE B 320 49.80 -3.35 -9.14
C ILE B 320 49.33 -1.90 -9.30
N LEU B 321 48.04 -1.71 -9.55
CA LEU B 321 47.51 -0.36 -9.73
C LEU B 321 47.75 0.52 -8.50
N ARG B 322 47.47 0.00 -7.30
CA ARG B 322 47.69 0.84 -6.12
C ARG B 322 49.16 1.16 -5.97
N ASN B 323 50.05 0.21 -6.27
CA ASN B 323 51.48 0.52 -6.13
C ASN B 323 51.91 1.59 -7.12
N GLU B 324 51.33 1.60 -8.33
CA GLU B 324 51.71 2.66 -9.26
C GLU B 324 51.09 4.00 -8.88
N LEU B 325 49.86 3.99 -8.35
CA LEU B 325 49.22 5.24 -7.96
C LEU B 325 49.94 5.86 -6.78
N MET B 326 50.49 5.05 -5.88
CA MET B 326 51.21 5.64 -4.76
C MET B 326 52.51 6.31 -5.17
N LYS B 327 52.97 6.09 -6.41
CA LYS B 327 54.13 6.80 -6.95
C LYS B 327 53.80 8.22 -7.40
N LEU B 328 52.52 8.56 -7.52
CA LEU B 328 52.15 9.91 -7.90
C LEU B 328 52.64 10.90 -6.83
N PRO B 329 53.00 12.12 -7.23
CA PRO B 329 53.38 13.13 -6.23
C PRO B 329 52.23 13.38 -5.27
N SER B 330 52.55 13.93 -4.09
CA SER B 330 51.53 14.06 -3.06
C SER B 330 51.01 15.48 -2.87
N ASP B 331 51.66 16.50 -3.44
CA ASP B 331 51.04 17.82 -3.42
C ASP B 331 50.01 17.91 -4.55
N VAL B 332 49.39 16.78 -4.88
CA VAL B 332 48.45 16.69 -5.98
C VAL B 332 47.50 15.53 -5.74
N VAL B 333 48.06 14.35 -5.45
CA VAL B 333 47.32 13.17 -5.03
C VAL B 333 47.66 12.96 -3.56
N THR B 334 46.68 13.14 -2.67
CA THR B 334 46.93 13.08 -1.23
C THR B 334 46.53 11.75 -0.59
N ALA B 335 45.85 10.86 -1.31
CA ALA B 335 45.40 9.59 -0.77
C ALA B 335 45.15 8.63 -1.92
N VAL B 336 45.60 7.37 -1.73
CA VAL B 336 45.36 6.24 -2.62
C VAL B 336 44.81 5.12 -1.76
N ARG B 337 43.60 4.64 -2.07
CA ARG B 337 43.01 3.56 -1.30
C ARG B 337 42.23 2.60 -2.20
N GLY B 338 41.99 1.41 -1.70
CA GLY B 338 41.19 0.44 -2.42
C GLY B 338 41.53 -0.99 -2.03
N LYS B 339 40.71 -1.91 -2.56
CA LYS B 339 40.94 -3.35 -2.47
C LYS B 339 40.60 -3.94 -3.84
N GLY B 340 41.48 -4.81 -4.33
CA GLY B 340 41.25 -5.40 -5.64
C GLY B 340 41.13 -4.26 -6.63
N LEU B 341 40.16 -4.35 -7.53
CA LEU B 341 39.99 -3.35 -8.57
C LEU B 341 38.91 -2.32 -8.22
N LEU B 342 38.65 -2.12 -6.94
CA LEU B 342 37.86 -0.98 -6.51
C LEU B 342 38.83 -0.02 -5.82
N ASN B 343 39.25 1.04 -6.53
CA ASN B 343 40.26 1.94 -5.98
C ASN B 343 39.86 3.39 -6.19
N ALA B 344 40.44 4.28 -5.38
CA ALA B 344 40.26 5.69 -5.58
C ALA B 344 41.54 6.44 -5.23
N ILE B 345 41.67 7.63 -5.83
CA ILE B 345 42.63 8.63 -5.41
C ILE B 345 41.88 9.89 -4.98
N VAL B 346 42.51 10.67 -4.10
CA VAL B 346 41.94 11.93 -3.62
C VAL B 346 42.75 13.07 -4.22
N ILE B 347 42.08 13.96 -4.94
CA ILE B 347 42.72 15.03 -5.71
C ILE B 347 42.68 16.28 -4.86
N LYS B 348 43.84 16.69 -4.35
CA LYS B 348 44.02 17.96 -3.63
C LYS B 348 43.48 19.12 -4.47
N GLU B 349 42.28 19.58 -4.17
CA GLU B 349 41.60 20.53 -5.04
C GLU B 349 42.06 21.94 -4.69
N THR B 350 42.92 22.49 -5.53
CA THR B 350 43.13 23.92 -5.48
C THR B 350 41.85 24.63 -5.91
N LYS B 351 41.93 25.96 -5.96
CA LYS B 351 40.99 26.77 -6.72
C LYS B 351 41.48 26.97 -8.16
N ASP B 352 42.51 26.20 -8.54
CA ASP B 352 43.12 26.17 -9.86
C ASP B 352 42.68 24.98 -10.71
N TRP B 353 42.46 23.82 -10.09
CA TRP B 353 42.14 22.57 -10.78
C TRP B 353 41.36 21.69 -9.81
N ASP B 354 40.65 20.69 -10.35
CA ASP B 354 39.81 19.84 -9.51
C ASP B 354 39.63 18.48 -10.18
N ALA B 355 38.90 17.60 -9.49
CA ALA B 355 38.73 16.24 -9.98
C ALA B 355 38.02 16.24 -11.33
N TRP B 356 37.07 17.17 -11.51
CA TRP B 356 36.33 17.21 -12.77
C TRP B 356 37.25 17.53 -13.93
N LYS B 357 38.12 18.52 -13.74
CA LYS B 357 39.09 18.83 -14.79
C LYS B 357 39.98 17.64 -15.07
N VAL B 358 40.32 16.89 -14.01
CA VAL B 358 41.13 15.70 -14.22
C VAL B 358 40.40 14.68 -15.06
N CYS B 359 39.10 14.46 -14.80
CA CYS B 359 38.38 13.44 -15.55
C CYS B 359 38.11 13.89 -16.98
N LEU B 360 37.96 15.21 -17.21
CA LEU B 360 37.84 15.71 -18.58
C LEU B 360 39.13 15.47 -19.36
N ARG B 361 40.27 15.67 -18.70
CA ARG B 361 41.51 15.42 -19.43
C ARG B 361 41.80 13.92 -19.57
N LEU B 362 41.40 13.12 -18.59
CA LEU B 362 41.50 11.68 -18.77
C LEU B 362 40.66 11.23 -19.95
N ARG B 363 39.45 11.77 -20.06
CA ARG B 363 38.60 11.44 -21.20
C ARG B 363 39.28 11.84 -22.52
N ASP B 364 39.93 13.01 -22.56
CA ASP B 364 40.65 13.40 -23.77
C ASP B 364 41.81 12.47 -24.11
N ASN B 365 42.42 11.84 -23.10
CA ASN B 365 43.48 10.87 -23.33
C ASN B 365 42.97 9.43 -23.40
N GLY B 366 41.65 9.24 -23.52
CA GLY B 366 41.10 7.92 -23.75
C GLY B 366 40.87 7.07 -22.52
N LEU B 367 40.61 7.69 -21.36
CA LEU B 367 40.28 6.93 -20.16
C LEU B 367 39.09 7.59 -19.47
N LEU B 368 38.09 6.78 -19.11
CA LEU B 368 36.81 7.29 -18.61
C LEU B 368 36.68 7.02 -17.11
N ALA B 369 36.51 8.09 -16.35
CA ALA B 369 36.37 8.02 -14.91
C ALA B 369 35.57 9.25 -14.47
N LYS B 370 34.97 9.17 -13.30
CA LYS B 370 34.14 10.28 -12.88
C LYS B 370 34.40 10.54 -11.40
N PRO B 371 34.49 11.80 -11.00
CA PRO B 371 34.70 12.08 -9.59
C PRO B 371 33.43 11.86 -8.78
N THR B 372 33.63 11.61 -7.47
CA THR B 372 32.54 11.50 -6.52
C THR B 372 32.86 12.41 -5.33
N HIS B 373 31.80 12.97 -4.75
CA HIS B 373 31.89 13.93 -3.62
C HIS B 373 32.96 14.98 -3.85
N GLY B 374 33.02 15.49 -5.08
CA GLY B 374 33.92 16.59 -5.39
C GLY B 374 35.30 16.19 -5.85
N ASP B 375 36.14 15.66 -4.94
CA ASP B 375 37.59 15.61 -5.14
C ASP B 375 38.16 14.21 -5.19
N ILE B 376 37.31 13.19 -5.29
CA ILE B 376 37.74 11.80 -5.32
C ILE B 376 37.56 11.27 -6.73
N ILE B 377 38.55 10.57 -7.25
CA ILE B 377 38.44 9.89 -8.54
C ILE B 377 38.55 8.39 -8.30
N ARG B 378 37.48 7.67 -8.62
CA ARG B 378 37.49 6.22 -8.61
C ARG B 378 38.13 5.66 -9.88
N PHE B 379 38.85 4.57 -9.71
CA PHE B 379 39.45 3.78 -10.78
C PHE B 379 38.97 2.37 -10.57
N ALA B 380 38.07 1.92 -11.45
CA ALA B 380 37.35 0.66 -11.27
C ALA B 380 37.07 0.08 -12.65
N PRO B 381 38.09 -0.46 -13.32
CA PRO B 381 37.90 -1.06 -14.65
C PRO B 381 37.25 -2.44 -14.55
N PRO B 382 36.64 -2.93 -15.64
CA PRO B 382 36.15 -4.32 -15.64
C PRO B 382 37.25 -5.31 -15.28
N LEU B 383 36.87 -6.40 -14.62
CA LEU B 383 37.85 -7.31 -14.07
C LEU B 383 38.48 -8.21 -15.11
N VAL B 384 38.12 -8.10 -16.39
CA VAL B 384 38.71 -8.95 -17.41
C VAL B 384 39.93 -8.24 -17.99
N ILE B 385 40.27 -7.07 -17.43
CA ILE B 385 41.47 -6.36 -17.89
C ILE B 385 42.73 -7.19 -17.65
N LYS B 386 43.70 -7.07 -18.58
CA LYS B 386 44.98 -7.76 -18.55
C LYS B 386 46.07 -6.80 -18.05
N GLU B 387 47.23 -7.36 -17.67
CA GLU B 387 48.25 -6.54 -17.04
C GLU B 387 48.82 -5.51 -18.02
N ASP B 388 48.95 -5.88 -19.29
CA ASP B 388 49.45 -4.90 -20.25
C ASP B 388 48.45 -3.77 -20.45
N GLU B 389 47.16 -4.10 -20.49
CA GLU B 389 46.14 -3.06 -20.64
C GLU B 389 46.12 -2.16 -19.41
N LEU B 390 46.24 -2.75 -18.22
CA LEU B 390 46.33 -1.94 -17.00
C LEU B 390 47.58 -1.04 -17.03
N ARG B 391 48.72 -1.57 -17.51
CA ARG B 391 49.93 -0.76 -17.61
C ARG B 391 49.71 0.44 -18.54
N GLU B 392 49.10 0.22 -19.70
CA GLU B 392 48.84 1.33 -20.58
C GLU B 392 47.90 2.34 -19.93
N SER B 393 46.87 1.87 -19.24
CA SER B 393 45.95 2.81 -18.60
C SER B 393 46.63 3.58 -17.47
N ILE B 394 47.55 2.94 -16.77
CA ILE B 394 48.29 3.60 -15.71
C ILE B 394 49.14 4.71 -16.29
N GLU B 395 49.75 4.46 -17.45
CA GLU B 395 50.50 5.50 -18.13
C GLU B 395 49.61 6.69 -18.47
N ILE B 396 48.41 6.43 -18.99
CA ILE B 396 47.47 7.53 -19.24
C ILE B 396 47.21 8.32 -17.97
N ILE B 397 46.97 7.61 -16.87
CA ILE B 397 46.68 8.29 -15.59
C ILE B 397 47.86 9.14 -15.17
N ASN B 398 49.08 8.57 -15.23
CA ASN B 398 50.27 9.29 -14.81
C ASN B 398 50.46 10.56 -15.60
N LYS B 399 50.47 10.44 -16.94
CA LYS B 399 50.75 11.61 -17.76
C LYS B 399 49.64 12.63 -17.65
N THR B 400 48.40 12.20 -17.37
CA THR B 400 47.34 13.18 -17.20
C THR B 400 47.51 13.95 -15.90
N ILE B 401 47.67 13.24 -14.78
CA ILE B 401 47.87 13.89 -13.48
C ILE B 401 49.05 14.87 -13.54
N LEU B 402 50.16 14.42 -14.12
CA LEU B 402 51.35 15.26 -14.18
C LEU B 402 51.18 16.41 -15.16
N SER B 403 50.31 16.24 -16.17
CA SER B 403 49.98 17.33 -17.07
C SER B 403 49.50 18.59 -16.36
N PHE B 404 48.95 18.47 -15.16
CA PHE B 404 48.45 19.64 -14.43
C PHE B 404 49.55 20.32 -13.60
N PRO C 3 -57.39 14.55 10.15
CA PRO C 3 -56.26 13.63 10.37
C PRO C 3 -56.12 12.52 9.29
N THR C 4 -55.81 12.90 8.05
CA THR C 4 -55.54 11.98 6.93
C THR C 4 -54.03 11.81 6.77
N SER C 5 -53.58 10.62 6.40
CA SER C 5 -52.15 10.41 6.21
C SER C 5 -51.57 11.40 5.19
N ASP C 6 -52.29 11.63 4.08
CA ASP C 6 -51.87 12.62 3.11
C ASP C 6 -51.81 14.01 3.72
N ASP C 7 -52.82 14.35 4.51
CA ASP C 7 -52.83 15.66 5.17
C ASP C 7 -51.56 15.86 5.99
N ILE C 8 -51.17 14.84 6.77
CA ILE C 8 -49.98 14.90 7.62
C ILE C 8 -48.72 15.07 6.78
N PHE C 9 -48.58 14.25 5.73
CA PHE C 9 -47.47 14.41 4.81
C PHE C 9 -47.37 15.86 4.31
N GLU C 10 -48.51 16.41 3.89
CA GLU C 10 -48.49 17.73 3.28
C GLU C 10 -48.13 18.81 4.31
N ARG C 11 -48.72 18.74 5.50
CA ARG C 11 -48.45 19.73 6.53
C ARG C 11 -46.97 19.76 6.88
N GLU C 12 -46.42 18.58 7.19
CA GLU C 12 -45.00 18.49 7.53
C GLU C 12 -44.13 18.97 6.39
N TYR C 13 -44.55 18.71 5.15
CA TYR C 13 -43.78 19.23 4.02
C TYR C 13 -43.76 20.75 4.04
N LYS C 14 -44.92 21.36 4.29
CA LYS C 14 -45.01 22.81 4.15
C LYS C 14 -44.27 23.55 5.27
N TYR C 15 -44.38 23.07 6.51
CA TYR C 15 -43.93 23.83 7.68
C TYR C 15 -42.74 23.25 8.41
N GLY C 16 -42.27 22.06 8.03
CA GLY C 16 -41.08 21.46 8.63
C GLY C 16 -39.91 21.40 7.66
N ALA C 17 -38.70 21.48 8.21
CA ALA C 17 -37.50 21.29 7.39
C ALA C 17 -37.54 19.92 6.71
N HIS C 18 -36.90 19.82 5.55
CA HIS C 18 -36.85 18.57 4.78
C HIS C 18 -35.55 17.79 5.02
N ASN C 19 -35.11 17.65 6.27
CA ASN C 19 -33.85 16.95 6.53
C ASN C 19 -34.03 15.45 6.68
N TYR C 20 -35.26 14.97 6.69
CA TYR C 20 -35.59 13.56 6.56
C TYR C 20 -36.45 13.37 5.32
N HIS C 21 -36.40 12.16 4.77
CA HIS C 21 -37.40 11.67 3.81
C HIS C 21 -38.02 10.43 4.44
N PRO C 22 -39.10 10.57 5.21
CA PRO C 22 -39.62 9.43 5.97
C PRO C 22 -40.32 8.41 5.06
N LEU C 23 -40.42 7.18 5.57
CA LEU C 23 -41.33 6.21 4.96
C LEU C 23 -42.76 6.71 5.06
N PRO C 24 -43.50 6.80 3.96
CA PRO C 24 -44.83 7.43 4.01
C PRO C 24 -45.83 6.65 4.86
N VAL C 25 -45.74 6.79 6.17
CA VAL C 25 -46.70 6.17 7.07
C VAL C 25 -46.89 7.12 8.25
N ALA C 26 -48.14 7.43 8.56
CA ALA C 26 -48.48 8.46 9.54
C ALA C 26 -48.99 7.78 10.80
N LEU C 27 -48.11 7.61 11.78
CA LEU C 27 -48.46 6.86 12.98
C LEU C 27 -49.17 7.74 14.00
N GLU C 28 -50.08 7.13 14.77
CA GLU C 28 -50.87 7.82 15.77
C GLU C 28 -50.72 7.24 17.17
N ARG C 29 -50.66 5.92 17.29
CA ARG C 29 -50.57 5.28 18.60
C ARG C 29 -49.50 4.19 18.56
N GLY C 30 -48.94 3.90 19.73
CA GLY C 30 -47.95 2.85 19.88
C GLY C 30 -48.11 2.08 21.17
N LYS C 31 -47.98 0.75 21.10
CA LYS C 31 -48.04 -0.07 22.31
C LYS C 31 -47.18 -1.31 22.08
N GLY C 32 -46.17 -1.48 22.93
CA GLY C 32 -45.30 -2.64 22.79
C GLY C 32 -44.67 -2.64 21.41
N ILE C 33 -44.89 -3.71 20.65
CA ILE C 33 -44.29 -3.82 19.33
C ILE C 33 -45.21 -3.33 18.23
N TYR C 34 -46.41 -2.84 18.56
CA TYR C 34 -47.41 -2.46 17.57
C TYR C 34 -47.49 -0.95 17.41
N LEU C 35 -47.71 -0.52 16.17
CA LEU C 35 -47.98 0.88 15.84
C LEU C 35 -49.25 0.98 15.02
N TRP C 36 -50.14 1.91 15.39
CA TRP C 36 -51.37 2.17 14.67
C TRP C 36 -51.26 3.52 13.99
N ASP C 37 -51.53 3.53 12.68
CA ASP C 37 -51.49 4.78 11.93
C ASP C 37 -52.83 5.50 12.12
N VAL C 38 -53.03 6.60 11.39
CA VAL C 38 -54.21 7.45 11.62
C VAL C 38 -55.47 6.95 10.93
N GLU C 39 -55.34 6.00 10.00
CA GLU C 39 -56.51 5.32 9.44
C GLU C 39 -56.78 3.99 10.11
N GLY C 40 -56.11 3.71 11.23
CA GLY C 40 -56.36 2.51 12.00
C GLY C 40 -55.57 1.28 11.60
N ARG C 41 -54.82 1.31 10.51
CA ARG C 41 -54.00 0.15 10.17
C ARG C 41 -52.95 -0.10 11.24
N LYS C 42 -52.64 -1.38 11.47
CA LYS C 42 -51.69 -1.77 12.49
C LYS C 42 -50.46 -2.40 11.84
N TYR C 43 -49.31 -2.16 12.45
CA TYR C 43 -48.03 -2.57 11.89
C TYR C 43 -47.14 -3.08 13.00
N PHE C 44 -46.32 -4.08 12.66
CA PHE C 44 -45.16 -4.38 13.47
C PHE C 44 -44.13 -3.27 13.29
N ASP C 45 -43.57 -2.80 14.40
CA ASP C 45 -42.47 -1.84 14.35
C ASP C 45 -41.14 -2.60 14.34
N PHE C 46 -40.47 -2.61 13.19
CA PHE C 46 -39.15 -3.24 13.09
C PHE C 46 -38.03 -2.22 12.94
N LEU C 47 -38.27 -0.99 13.36
CA LEU C 47 -37.25 0.04 13.44
C LEU C 47 -36.92 0.41 14.89
N SER C 48 -37.89 0.25 15.79
CA SER C 48 -37.82 0.71 17.18
C SER C 48 -37.10 2.04 17.34
N SER C 49 -37.37 2.98 16.45
CA SER C 49 -36.74 4.31 16.50
C SER C 49 -35.23 4.20 16.65
N TYR C 50 -34.62 3.39 15.78
CA TYR C 50 -33.16 3.18 15.77
C TYR C 50 -32.68 2.63 17.10
N SER C 51 -33.51 1.78 17.70
CA SER C 51 -33.26 1.07 18.95
C SER C 51 -33.39 1.99 20.16
N ALA C 52 -34.25 3.00 20.07
CA ALA C 52 -34.63 3.76 21.25
C ALA C 52 -35.75 3.08 22.06
N VAL C 53 -36.66 2.33 21.44
CA VAL C 53 -37.72 1.72 22.22
C VAL C 53 -37.52 0.21 22.32
N ASN C 54 -36.34 -0.18 22.81
CA ASN C 54 -36.08 -1.56 23.18
C ASN C 54 -37.19 -2.13 24.06
N GLN C 55 -37.67 -1.33 25.02
CA GLN C 55 -38.71 -1.71 25.96
C GLN C 55 -40.11 -1.75 25.34
N GLY C 56 -40.24 -1.54 24.04
CA GLY C 56 -41.56 -1.38 23.44
C GLY C 56 -42.14 0.01 23.67
N HIS C 57 -43.10 0.36 22.83
CA HIS C 57 -43.73 1.68 22.90
C HIS C 57 -44.57 1.82 24.17
N CYS C 58 -44.46 2.98 24.82
CA CYS C 58 -45.31 3.34 25.96
C CYS C 58 -45.37 2.24 27.02
N HIS C 59 -44.22 1.71 27.37
CA HIS C 59 -44.15 0.68 28.38
C HIS C 59 -44.72 1.25 29.67
N PRO C 60 -45.74 0.62 30.25
CA PRO C 60 -46.50 1.30 31.32
C PRO C 60 -45.68 1.61 32.55
N LYS C 61 -44.67 0.81 32.88
CA LYS C 61 -43.86 1.09 34.07
C LYS C 61 -43.11 2.39 33.92
N ILE C 62 -42.49 2.60 32.76
CA ILE C 62 -41.76 3.83 32.53
C ILE C 62 -42.73 5.00 32.42
N VAL C 63 -43.87 4.78 31.76
CA VAL C 63 -44.93 5.80 31.74
C VAL C 63 -45.31 6.20 33.16
N ASN C 64 -45.36 5.24 34.07
CA ASN C 64 -45.83 5.51 35.43
C ASN C 64 -44.79 6.25 36.23
N ALA C 65 -43.51 5.93 36.03
CA ALA C 65 -42.45 6.71 36.66
C ALA C 65 -42.50 8.16 36.18
N LEU C 66 -42.77 8.37 34.89
CA LEU C 66 -42.85 9.72 34.32
C LEU C 66 -44.03 10.50 34.91
N LYS C 67 -45.20 9.87 34.95
CA LYS C 67 -46.39 10.52 35.52
C LYS C 67 -46.23 10.77 37.02
N SER C 68 -45.55 9.89 37.74
CA SER C 68 -45.23 10.16 39.14
C SER C 68 -44.36 11.40 39.28
N GLN C 69 -43.30 11.51 38.46
CA GLN C 69 -42.35 12.58 38.68
C GLN C 69 -42.79 13.92 38.10
N VAL C 70 -43.69 13.92 37.12
CA VAL C 70 -44.07 15.17 36.46
C VAL C 70 -44.92 16.06 37.37
N ASP C 71 -45.55 15.50 38.39
CA ASP C 71 -46.30 16.32 39.34
C ASP C 71 -45.42 16.84 40.47
N LYS C 72 -44.24 16.27 40.65
CA LYS C 72 -43.40 16.61 41.78
C LYS C 72 -42.40 17.71 41.40
N LEU C 73 -41.58 17.45 40.38
CA LEU C 73 -40.44 18.30 40.04
C LEU C 73 -39.84 17.82 38.73
N THR C 74 -39.67 18.72 37.75
CA THR C 74 -39.15 18.28 36.46
C THR C 74 -37.78 18.85 36.10
N LEU C 75 -37.41 20.02 36.61
CA LEU C 75 -36.17 20.65 36.15
C LEU C 75 -35.79 21.80 37.08
N THR C 76 -34.63 21.65 37.74
CA THR C 76 -34.03 22.72 38.52
C THR C 76 -32.74 23.26 37.91
N SER C 77 -32.19 22.58 36.90
CA SER C 77 -30.83 22.73 36.40
C SER C 77 -29.85 22.21 37.44
N ARG C 78 -28.66 21.85 37.01
CA ARG C 78 -27.66 21.32 37.94
C ARG C 78 -26.95 22.43 38.71
N ALA C 79 -27.45 23.67 38.63
CA ALA C 79 -27.01 24.75 39.51
C ALA C 79 -27.51 24.55 40.93
N PHE C 80 -28.58 23.78 41.12
CA PHE C 80 -29.02 23.32 42.41
C PHE C 80 -28.92 21.79 42.43
N TYR C 81 -29.23 21.19 43.58
CA TYR C 81 -29.38 19.75 43.68
C TYR C 81 -30.85 19.36 43.64
N ASN C 82 -31.10 18.09 43.44
CA ASN C 82 -32.46 17.58 43.53
C ASN C 82 -32.41 16.13 43.99
N ASN C 83 -33.60 15.62 44.29
CA ASN C 83 -33.75 14.29 44.91
C ASN C 83 -33.32 13.15 43.97
N VAL C 84 -33.73 13.18 42.69
CA VAL C 84 -33.59 12.01 41.82
C VAL C 84 -32.15 11.76 41.32
N LEU C 85 -31.36 12.81 41.07
CA LEU C 85 -30.14 12.63 40.28
C LEU C 85 -29.16 11.67 40.94
N GLY C 86 -28.93 11.83 42.25
CA GLY C 86 -27.96 10.98 42.93
C GLY C 86 -28.40 9.52 42.99
N GLU C 87 -29.69 9.27 43.09
CA GLU C 87 -30.14 7.88 43.06
C GLU C 87 -29.95 7.29 41.67
N TYR C 88 -30.27 8.05 40.63
CA TYR C 88 -29.99 7.59 39.28
C TYR C 88 -28.50 7.32 39.12
N GLU C 89 -27.66 8.21 39.64
CA GLU C 89 -26.22 8.04 39.47
C GLU C 89 -25.73 6.79 40.18
N GLU C 90 -26.11 6.61 41.46
CA GLU C 90 -25.91 5.33 42.14
C GLU C 90 -26.27 4.15 41.26
N TYR C 91 -27.53 4.12 40.85
CA TYR C 91 -28.09 3.00 40.16
C TYR C 91 -27.28 2.66 38.93
N ILE C 92 -27.05 3.66 38.09
CA ILE C 92 -26.55 3.37 36.76
C ILE C 92 -25.06 3.09 36.80
N THR C 93 -24.34 3.70 37.75
CA THR C 93 -22.91 3.41 37.86
C THR C 93 -22.66 2.04 38.52
N LYS C 94 -23.54 1.59 39.39
CA LYS C 94 -23.28 0.24 39.88
C LYS C 94 -23.80 -0.81 38.91
N LEU C 95 -24.88 -0.52 38.17
CA LEU C 95 -25.36 -1.47 37.17
C LEU C 95 -24.27 -1.76 36.13
N PHE C 96 -23.71 -0.72 35.54
CA PHE C 96 -22.72 -0.87 34.49
C PHE C 96 -21.32 -0.89 35.01
N ASN C 97 -21.12 -0.58 36.28
CA ASN C 97 -19.89 -0.87 36.97
C ASN C 97 -18.77 0.12 36.66
N TYR C 98 -19.11 1.41 36.65
CA TYR C 98 -18.11 2.45 36.54
C TYR C 98 -18.22 3.38 37.75
N HIS C 99 -17.15 4.11 38.02
CA HIS C 99 -17.14 5.00 39.18
C HIS C 99 -18.23 6.06 39.08
N LYS C 100 -18.35 6.68 37.90
CA LYS C 100 -19.13 7.91 37.82
C LYS C 100 -19.83 8.00 36.48
N VAL C 101 -20.90 8.78 36.47
CA VAL C 101 -21.64 9.07 35.24
C VAL C 101 -21.67 10.58 35.04
N LEU C 102 -21.58 10.99 33.78
CA LEU C 102 -21.88 12.37 33.40
C LEU C 102 -23.17 12.33 32.58
N PRO C 103 -24.27 12.91 33.07
CA PRO C 103 -25.54 12.85 32.36
C PRO C 103 -25.70 13.94 31.32
N MET C 104 -26.22 13.53 30.15
CA MET C 104 -26.55 14.47 29.10
C MET C 104 -27.91 14.06 28.56
N ASN C 105 -28.31 14.61 27.44
CA ASN C 105 -29.64 14.39 26.92
C ASN C 105 -29.63 13.49 25.69
N THR C 106 -28.88 13.83 24.66
CA THR C 106 -28.89 13.08 23.42
C THR C 106 -27.58 12.33 23.22
N GLY C 107 -27.63 11.35 22.31
CA GLY C 107 -26.47 10.55 22.00
C GLY C 107 -25.29 11.37 21.49
N VAL C 108 -25.56 12.37 20.63
CA VAL C 108 -24.43 13.14 20.14
C VAL C 108 -23.80 13.95 21.27
N GLU C 109 -24.60 14.38 22.25
CA GLU C 109 -24.04 15.09 23.40
C GLU C 109 -23.20 14.16 24.26
N ALA C 110 -23.55 12.88 24.32
CA ALA C 110 -22.66 11.96 25.01
C ALA C 110 -21.35 11.81 24.26
N GLY C 111 -21.42 11.63 22.93
CA GLY C 111 -20.21 11.56 22.14
C GLY C 111 -19.31 12.76 22.29
N GLU C 112 -19.88 13.97 22.15
CA GLU C 112 -19.11 15.18 22.37
C GLU C 112 -18.49 15.21 23.78
N THR C 113 -19.26 14.84 24.80
CA THR C 113 -18.71 14.81 26.15
C THR C 113 -17.50 13.87 26.23
N ALA C 114 -17.59 12.73 25.55
CA ALA C 114 -16.51 11.75 25.59
C ALA C 114 -15.27 12.29 24.92
N CYS C 115 -15.44 13.03 23.81
CA CYS C 115 -14.29 13.65 23.15
C CYS C 115 -13.63 14.70 24.03
N LYS C 116 -14.44 15.53 24.69
CA LYS C 116 -13.89 16.52 25.62
C LYS C 116 -13.12 15.87 26.75
N LEU C 117 -13.68 14.80 27.33
CA LEU C 117 -12.99 14.05 28.37
C LEU C 117 -11.67 13.49 27.86
N ALA C 118 -11.70 12.84 26.68
CA ALA C 118 -10.49 12.23 26.16
C ALA C 118 -9.40 13.28 25.94
N ARG C 119 -9.76 14.43 25.36
CA ARG C 119 -8.77 15.48 25.19
C ARG C 119 -8.22 15.98 26.53
N LYS C 120 -9.10 16.33 27.46
CA LYS C 120 -8.64 16.87 28.74
C LYS C 120 -7.81 15.83 29.51
N TRP C 121 -8.18 14.56 29.40
CA TRP C 121 -7.34 13.54 30.01
C TRP C 121 -5.99 13.53 29.32
N GLY C 122 -5.99 13.63 27.99
CA GLY C 122 -4.75 13.63 27.22
C GLY C 122 -3.81 14.76 27.61
N TYR C 123 -4.35 15.98 27.76
CA TYR C 123 -3.54 17.12 28.17
C TYR C 123 -3.11 17.03 29.65
N THR C 124 -4.04 16.72 30.56
CA THR C 124 -3.74 16.91 31.98
C THR C 124 -3.32 15.62 32.70
N VAL C 125 -3.55 14.44 32.12
CA VAL C 125 -3.09 13.18 32.68
C VAL C 125 -2.02 12.53 31.80
N LYS C 126 -2.32 12.32 30.51
CA LYS C 126 -1.32 11.66 29.66
C LYS C 126 -0.11 12.55 29.40
N GLY C 127 -0.32 13.86 29.31
CA GLY C 127 0.78 14.79 29.09
C GLY C 127 0.98 15.27 27.67
N ILE C 128 -0.03 15.13 26.80
CA ILE C 128 0.07 15.60 25.43
C ILE C 128 0.15 17.11 25.44
N GLN C 129 0.94 17.70 24.55
CA GLN C 129 1.00 19.15 24.48
C GLN C 129 -0.28 19.74 23.85
N LYS C 130 -0.76 20.84 24.41
CA LYS C 130 -1.95 21.51 23.88
C LYS C 130 -1.58 22.33 22.64
N TYR C 131 -2.29 22.14 21.53
CA TYR C 131 -3.49 21.29 21.42
C TYR C 131 -3.29 20.19 20.42
N LYS C 132 -2.45 19.22 20.76
CA LYS C 132 -2.01 18.20 19.82
C LYS C 132 -2.78 16.88 19.94
N ALA C 133 -3.74 16.78 20.85
CA ALA C 133 -4.38 15.50 21.12
C ALA C 133 -5.21 15.10 19.91
N LYS C 134 -5.23 13.79 19.62
CA LYS C 134 -5.98 13.23 18.50
C LYS C 134 -6.98 12.21 19.01
N ILE C 135 -8.09 12.06 18.28
CA ILE C 135 -9.02 10.95 18.52
C ILE C 135 -9.20 10.19 17.22
N VAL C 136 -9.08 8.85 17.28
CA VAL C 136 -9.20 7.98 16.10
C VAL C 136 -10.62 7.42 16.09
N PHE C 137 -11.18 7.29 14.89
CA PHE C 137 -12.50 6.76 14.62
C PHE C 137 -12.38 5.72 13.52
N ALA C 138 -13.45 4.95 13.34
CA ALA C 138 -13.50 3.95 12.29
C ALA C 138 -14.39 4.45 11.16
N ALA C 139 -13.93 4.25 9.91
CA ALA C 139 -14.75 4.54 8.74
C ALA C 139 -16.09 3.83 8.88
N GLY C 140 -17.16 4.55 8.52
CA GLY C 140 -18.51 4.06 8.69
C GLY C 140 -19.15 4.42 10.01
N ASN C 141 -18.41 5.08 10.92
CA ASN C 141 -18.96 5.56 12.18
C ASN C 141 -20.07 6.57 11.96
N PHE C 142 -21.05 6.51 12.86
CA PHE C 142 -22.07 7.52 12.98
C PHE C 142 -22.28 7.72 14.46
N TRP C 143 -22.07 8.93 14.94
CA TRP C 143 -22.48 9.21 16.31
C TRP C 143 -23.25 10.53 16.42
N GLY C 144 -23.89 10.96 15.32
CA GLY C 144 -24.78 12.11 15.37
C GLY C 144 -24.34 13.20 14.40
N ARG C 145 -24.86 14.41 14.59
CA ARG C 145 -24.91 15.38 13.50
C ARG C 145 -24.30 16.74 13.83
N THR C 146 -23.59 16.87 14.95
CA THR C 146 -22.88 18.12 15.23
C THR C 146 -21.72 18.30 14.26
N LEU C 147 -21.16 19.51 14.27
CA LEU C 147 -20.03 19.76 13.38
C LEU C 147 -18.89 18.78 13.69
N SER C 148 -18.73 18.39 14.96
CA SER C 148 -17.65 17.48 15.30
C SER C 148 -17.95 16.05 14.86
N ALA C 149 -19.17 15.58 15.11
CA ALA C 149 -19.53 14.22 14.74
C ALA C 149 -19.47 14.02 13.22
N ILE C 150 -19.87 15.02 12.44
CA ILE C 150 -19.75 14.88 10.99
C ILE C 150 -18.32 15.03 10.54
N SER C 151 -17.49 15.69 11.36
CA SER C 151 -16.06 15.78 11.04
C SER C 151 -15.37 14.44 11.10
N SER C 152 -15.86 13.51 11.94
CA SER C 152 -15.29 12.16 11.90
C SER C 152 -15.93 11.23 10.88
N SER C 153 -17.02 11.63 10.23
CA SER C 153 -17.75 10.79 9.31
C SER C 153 -17.00 10.61 7.99
N THR C 154 -17.18 9.41 7.40
CA THR C 154 -16.73 9.16 6.02
C THR C 154 -17.90 9.15 5.05
N ASP C 155 -19.10 9.50 5.52
CA ASP C 155 -20.31 9.49 4.70
C ASP C 155 -20.50 10.90 4.13
N PRO C 156 -20.26 11.12 2.82
CA PRO C 156 -20.37 12.49 2.29
C PRO C 156 -21.72 13.12 2.49
N THR C 157 -22.80 12.34 2.56
CA THR C 157 -24.10 12.94 2.87
C THR C 157 -24.09 13.58 4.25
N SER C 158 -23.20 13.13 5.13
CA SER C 158 -23.13 13.67 6.49
C SER C 158 -22.39 15.00 6.57
N TYR C 159 -21.32 15.17 5.80
CA TYR C 159 -20.42 16.30 5.98
C TYR C 159 -20.31 17.25 4.79
N ASP C 160 -20.73 16.86 3.58
CA ASP C 160 -20.46 17.67 2.39
C ASP C 160 -21.27 18.96 2.50
N GLY C 161 -20.61 20.09 2.29
CA GLY C 161 -21.30 21.37 2.45
C GLY C 161 -21.34 21.91 3.86
N PHE C 162 -20.67 21.25 4.83
CA PHE C 162 -20.77 21.66 6.23
C PHE C 162 -19.43 21.97 6.92
N GLY C 163 -18.29 21.90 6.21
CA GLY C 163 -17.03 22.31 6.75
C GLY C 163 -16.86 23.84 6.87
N PRO C 164 -15.69 24.27 7.33
CA PRO C 164 -14.48 23.46 7.59
C PRO C 164 -14.65 22.57 8.82
N PHE C 165 -13.76 21.62 8.98
CA PHE C 165 -14.04 20.52 9.90
C PHE C 165 -13.13 20.55 11.13
N MET C 166 -13.57 19.85 12.18
CA MET C 166 -12.85 19.74 13.43
C MET C 166 -11.49 19.08 13.20
N PRO C 167 -10.37 19.73 13.50
CA PRO C 167 -9.07 19.07 13.40
C PRO C 167 -8.91 18.08 14.55
N GLY C 168 -7.90 17.23 14.40
CA GLY C 168 -7.55 16.34 15.47
C GLY C 168 -8.26 15.01 15.42
N PHE C 169 -9.00 14.73 14.35
CA PHE C 169 -9.70 13.45 14.17
C PHE C 169 -9.02 12.62 13.07
N ASP C 170 -8.72 11.37 13.37
CA ASP C 170 -8.11 10.44 12.43
C ASP C 170 -9.11 9.33 12.14
N ILE C 171 -9.11 8.82 10.92
CA ILE C 171 -10.06 7.77 10.53
C ILE C 171 -9.32 6.54 9.98
N ILE C 172 -9.65 5.37 10.51
CA ILE C 172 -9.07 4.09 10.10
C ILE C 172 -10.21 3.17 9.67
N PRO C 173 -9.90 2.12 8.90
CA PRO C 173 -10.97 1.16 8.58
C PRO C 173 -11.45 0.48 9.83
N TYR C 174 -12.72 0.13 9.81
CA TYR C 174 -13.35 -0.65 10.86
C TYR C 174 -12.89 -2.10 10.73
N ASN C 175 -13.04 -2.84 11.83
CA ASN C 175 -12.79 -4.30 11.83
C ASN C 175 -11.37 -4.62 11.38
N ASP C 176 -10.40 -3.84 11.84
CA ASP C 176 -9.04 -3.84 11.30
C ASP C 176 -8.09 -3.60 12.45
N LEU C 177 -7.61 -4.67 13.06
CA LEU C 177 -6.69 -4.46 14.18
C LEU C 177 -5.32 -3.94 13.76
N PRO C 178 -4.73 -4.43 12.66
CA PRO C 178 -3.44 -3.84 12.22
C PRO C 178 -3.52 -2.34 11.88
N ALA C 179 -4.64 -1.87 11.34
CA ALA C 179 -4.82 -0.43 11.13
C ALA C 179 -4.77 0.34 12.44
N LEU C 180 -5.39 -0.21 13.47
CA LEU C 180 -5.46 0.48 14.74
C LEU C 180 -4.09 0.52 15.39
N GLU C 181 -3.42 -0.64 15.46
CA GLU C 181 -2.03 -0.73 15.89
C GLU C 181 -1.17 0.33 15.20
N ARG C 182 -1.30 0.42 13.87
CA ARG C 182 -0.53 1.42 13.12
C ARG C 182 -0.87 2.83 13.57
N ALA C 183 -2.16 3.12 13.76
CA ALA C 183 -2.55 4.50 14.11
C ALA C 183 -2.13 4.87 15.54
N LEU C 184 -2.06 3.91 16.45
CA LEU C 184 -1.71 4.21 17.85
C LEU C 184 -0.20 4.31 18.06
N GLN C 185 0.60 4.25 16.99
CA GLN C 185 2.02 4.59 17.11
C GLN C 185 2.25 6.07 17.48
N ASP C 186 1.27 6.94 17.27
CA ASP C 186 1.40 8.35 17.60
C ASP C 186 1.06 8.56 19.08
N PRO C 187 2.03 8.95 19.94
CA PRO C 187 1.69 9.18 21.35
C PRO C 187 0.70 10.30 21.58
N ASN C 188 0.44 11.15 20.57
CA ASN C 188 -0.54 12.21 20.76
C ASN C 188 -1.97 11.73 20.55
N VAL C 189 -2.18 10.47 20.16
CA VAL C 189 -3.52 9.91 20.23
C VAL C 189 -3.95 9.79 21.67
N ALA C 190 -5.11 10.34 21.96
CA ALA C 190 -5.74 10.31 23.27
C ALA C 190 -6.78 9.19 23.38
N ALA C 191 -7.47 8.83 22.30
CA ALA C 191 -8.58 7.89 22.41
C ALA C 191 -8.88 7.32 21.02
N PHE C 192 -9.45 6.11 21.03
CA PHE C 192 -10.10 5.47 19.87
C PHE C 192 -11.58 5.30 20.22
N MET C 193 -12.46 5.94 19.45
CA MET C 193 -13.91 5.78 19.65
C MET C 193 -14.50 4.83 18.61
N VAL C 194 -15.38 3.92 19.03
CA VAL C 194 -15.83 2.89 18.09
C VAL C 194 -17.11 2.27 18.61
N GLU C 195 -18.00 1.91 17.67
CA GLU C 195 -19.21 1.14 17.94
C GLU C 195 -18.89 -0.34 17.87
N PRO C 196 -19.39 -1.11 18.84
CA PRO C 196 -19.15 -2.55 18.85
C PRO C 196 -19.79 -3.26 17.66
N ILE C 197 -20.81 -2.66 17.07
CA ILE C 197 -21.48 -3.03 15.83
C ILE C 197 -21.95 -1.72 15.22
N GLN C 198 -21.63 -1.49 13.95
CA GLN C 198 -21.89 -0.19 13.32
C GLN C 198 -23.32 -0.16 12.81
N GLY C 199 -24.18 0.52 13.55
CA GLY C 199 -25.61 0.55 13.31
C GLY C 199 -26.03 1.28 12.05
N GLU C 200 -25.88 2.61 12.04
CA GLU C 200 -26.26 3.39 10.86
C GLU C 200 -25.61 2.88 9.59
N ALA C 201 -24.38 2.37 9.68
CA ALA C 201 -23.65 1.87 8.51
C ALA C 201 -24.32 0.67 7.84
N GLY C 202 -25.20 -0.03 8.53
CA GLY C 202 -25.87 -1.16 7.95
C GLY C 202 -25.62 -2.40 8.76
N VAL C 203 -25.60 -2.26 10.09
CA VAL C 203 -25.38 -3.37 11.02
C VAL C 203 -24.13 -4.12 10.60
N VAL C 204 -22.98 -3.46 10.74
CA VAL C 204 -21.69 -4.04 10.36
C VAL C 204 -21.10 -4.67 11.61
N VAL C 205 -21.05 -6.00 11.63
CA VAL C 205 -20.60 -6.77 12.78
C VAL C 205 -19.12 -7.12 12.56
N PRO C 206 -18.22 -6.72 13.44
CA PRO C 206 -16.81 -7.04 13.24
C PRO C 206 -16.55 -8.51 13.54
N ASP C 207 -15.35 -8.96 13.18
CA ASP C 207 -14.99 -10.35 13.40
C ASP C 207 -14.85 -10.62 14.89
N PRO C 208 -15.13 -11.85 15.33
CA PRO C 208 -14.80 -12.23 16.71
C PRO C 208 -13.35 -11.91 17.00
N GLY C 209 -13.10 -11.42 18.20
CA GLY C 209 -11.77 -11.02 18.60
C GLY C 209 -11.43 -9.58 18.31
N TYR C 210 -12.22 -8.90 17.50
CA TYR C 210 -11.92 -7.50 17.22
C TYR C 210 -11.92 -6.68 18.50
N LEU C 211 -12.98 -6.80 19.30
CA LEU C 211 -13.11 -5.95 20.47
C LEU C 211 -12.04 -6.28 21.49
N MET C 212 -11.75 -7.57 21.69
CA MET C 212 -10.62 -7.90 22.55
C MET C 212 -9.33 -7.29 22.02
N GLY C 213 -9.13 -7.32 20.71
CA GLY C 213 -7.95 -6.70 20.12
C GLY C 213 -7.90 -5.18 20.32
N VAL C 214 -9.04 -4.51 20.11
CA VAL C 214 -9.12 -3.08 20.39
C VAL C 214 -8.75 -2.81 21.85
N ARG C 215 -9.32 -3.57 22.79
CA ARG C 215 -8.99 -3.33 24.20
C ARG C 215 -7.49 -3.52 24.43
N GLU C 216 -6.94 -4.66 23.99
CA GLU C 216 -5.51 -4.93 24.16
C GLU C 216 -4.66 -3.79 23.59
N LEU C 217 -4.97 -3.31 22.39
CA LEU C 217 -4.18 -2.26 21.76
C LEU C 217 -4.30 -0.94 22.52
N CYS C 218 -5.51 -0.58 22.92
CA CYS C 218 -5.70 0.67 23.66
C CYS C 218 -4.92 0.62 24.98
N THR C 219 -4.91 -0.55 25.62
CA THR C 219 -4.17 -0.66 26.87
C THR C 219 -2.67 -0.56 26.64
N ARG C 220 -2.16 -1.33 25.68
CA ARG C 220 -0.73 -1.31 25.36
C ARG C 220 -0.25 0.12 25.10
N HIS C 221 -1.01 0.91 24.33
CA HIS C 221 -0.51 2.21 23.92
C HIS C 221 -1.06 3.36 24.75
N GLN C 222 -1.70 3.08 25.89
CA GLN C 222 -2.15 4.12 26.81
C GLN C 222 -3.03 5.14 26.08
N VAL C 223 -4.06 4.60 25.45
CA VAL C 223 -5.09 5.30 24.72
C VAL C 223 -6.44 4.91 25.33
N LEU C 224 -7.38 5.85 25.34
CA LEU C 224 -8.70 5.55 25.88
C LEU C 224 -9.54 4.78 24.86
N PHE C 225 -10.06 3.64 25.26
CA PHE C 225 -11.07 2.91 24.51
C PHE C 225 -12.45 3.49 24.84
N ILE C 226 -13.04 4.22 23.87
CA ILE C 226 -14.42 4.73 23.99
C ILE C 226 -15.35 3.81 23.18
N ALA C 227 -16.25 3.15 23.89
CA ALA C 227 -17.28 2.29 23.28
C ALA C 227 -18.57 3.08 23.14
N ASP C 228 -18.99 3.29 21.90
CA ASP C 228 -20.26 3.94 21.62
C ASP C 228 -21.34 2.87 21.61
N GLU C 229 -22.07 2.77 22.71
CA GLU C 229 -23.11 1.75 22.86
C GLU C 229 -24.50 2.38 22.90
N ILE C 230 -24.64 3.58 22.34
CA ILE C 230 -25.93 4.27 22.29
C ILE C 230 -26.97 3.42 21.54
N GLN C 231 -26.57 2.75 20.47
CA GLN C 231 -27.48 1.87 19.73
C GLN C 231 -27.30 0.38 20.05
N THR C 232 -26.08 -0.09 20.29
CA THR C 232 -25.89 -1.51 20.57
C THR C 232 -26.14 -1.87 22.04
N GLY C 233 -26.16 -0.90 22.95
CA GLY C 233 -26.25 -1.21 24.36
C GLY C 233 -27.65 -1.61 24.76
N LEU C 234 -27.80 -1.92 26.05
CA LEU C 234 -29.10 -2.05 26.70
C LEU C 234 -29.94 -3.15 26.07
N ALA C 235 -29.37 -4.36 26.07
CA ALA C 235 -30.02 -5.65 25.75
C ALA C 235 -30.29 -5.85 24.25
N ARG C 236 -30.01 -4.85 23.40
CA ARG C 236 -30.39 -4.92 21.98
C ARG C 236 -29.72 -6.08 21.26
N THR C 237 -28.43 -6.27 21.49
CA THR C 237 -27.70 -7.34 20.84
C THR C 237 -27.64 -8.59 21.71
N GLY C 238 -28.35 -8.61 22.84
CA GLY C 238 -28.41 -9.79 23.66
C GLY C 238 -27.59 -9.72 24.92
N ARG C 239 -26.95 -8.59 25.20
CA ARG C 239 -26.17 -8.39 26.40
C ARG C 239 -26.46 -7.00 26.93
N TRP C 240 -26.14 -6.77 28.19
CA TRP C 240 -26.23 -5.41 28.72
C TRP C 240 -25.45 -4.43 27.85
N LEU C 241 -24.27 -4.81 27.42
CA LEU C 241 -23.52 -4.08 26.42
C LEU C 241 -23.05 -5.09 25.40
N ALA C 242 -23.00 -4.68 24.13
CA ALA C 242 -22.46 -5.54 23.10
C ALA C 242 -21.05 -6.00 23.47
N VAL C 243 -20.26 -5.13 24.09
CA VAL C 243 -18.88 -5.47 24.41
C VAL C 243 -18.79 -6.62 25.42
N ASP C 244 -19.84 -6.85 26.21
CA ASP C 244 -19.90 -8.00 27.10
C ASP C 244 -19.71 -9.33 26.37
N TYR C 245 -20.03 -9.42 25.07
CA TYR C 245 -19.80 -10.68 24.35
C TYR C 245 -18.35 -11.11 24.44
N GLU C 246 -17.42 -10.16 24.45
CA GLU C 246 -16.02 -10.53 24.57
C GLU C 246 -15.48 -10.25 25.98
N ASN C 247 -16.37 -9.94 26.92
CA ASN C 247 -16.02 -9.52 28.27
C ASN C 247 -14.94 -8.45 28.24
N VAL C 248 -15.23 -7.39 27.51
CA VAL C 248 -14.27 -6.33 27.31
C VAL C 248 -14.77 -5.11 28.07
N ARG C 249 -13.88 -4.49 28.86
CA ARG C 249 -14.18 -3.30 29.66
C ARG C 249 -13.67 -2.07 28.91
N PRO C 250 -14.53 -1.30 28.25
CA PRO C 250 -14.05 -0.05 27.65
C PRO C 250 -13.71 0.97 28.74
N ASP C 251 -12.92 2.00 28.37
CA ASP C 251 -12.58 3.05 29.34
C ASP C 251 -13.71 4.05 29.49
N ILE C 252 -14.42 4.33 28.41
CA ILE C 252 -15.59 5.20 28.49
C ILE C 252 -16.70 4.50 27.72
N VAL C 253 -17.88 4.47 28.32
CA VAL C 253 -19.04 3.86 27.68
C VAL C 253 -20.07 4.97 27.46
N LEU C 254 -20.61 5.04 26.26
CA LEU C 254 -21.70 5.98 25.97
C LEU C 254 -22.99 5.19 25.87
N LEU C 255 -24.01 5.68 26.54
CA LEU C 255 -25.32 5.08 26.47
C LEU C 255 -26.32 6.16 26.10
N GLY C 256 -27.42 5.74 25.50
CA GLY C 256 -28.45 6.71 25.16
C GLY C 256 -29.69 6.01 24.66
N LYS C 257 -30.44 6.70 23.81
CA LYS C 257 -31.60 6.12 23.11
C LYS C 257 -32.50 5.34 24.06
N ALA C 258 -32.29 4.02 24.21
CA ALA C 258 -33.19 3.21 25.04
C ALA C 258 -33.00 3.43 26.51
N LEU C 259 -32.00 4.24 26.91
CA LEU C 259 -31.86 4.60 28.31
C LEU C 259 -33.14 5.17 28.89
N SER C 260 -34.03 5.68 28.05
CA SER C 260 -35.32 6.23 28.47
C SER C 260 -36.51 5.44 27.94
N GLY C 261 -36.30 4.44 27.09
CA GLY C 261 -37.40 3.72 26.48
C GLY C 261 -38.27 4.55 25.58
N GLY C 262 -37.73 5.60 24.98
CA GLY C 262 -38.51 6.47 24.12
C GLY C 262 -39.34 7.53 24.82
N LEU C 263 -39.27 7.60 26.15
CA LEU C 263 -40.09 8.53 26.92
C LEU C 263 -39.46 9.91 27.07
N TYR C 264 -38.16 10.03 26.88
CA TYR C 264 -37.44 11.25 27.23
C TYR C 264 -36.06 11.16 26.58
N PRO C 265 -35.42 12.28 26.24
CA PRO C 265 -34.02 12.18 25.78
C PRO C 265 -33.06 12.15 26.95
N VAL C 266 -32.48 10.97 27.22
CA VAL C 266 -31.50 10.79 28.27
C VAL C 266 -30.29 10.06 27.69
N SER C 267 -29.08 10.55 28.01
CA SER C 267 -27.84 9.87 27.63
C SER C 267 -26.87 9.95 28.79
N ALA C 268 -25.81 9.15 28.70
CA ALA C 268 -24.89 8.95 29.82
C ALA C 268 -23.48 8.67 29.32
N VAL C 269 -22.50 9.26 29.99
CA VAL C 269 -21.09 8.95 29.79
C VAL C 269 -20.60 8.29 31.07
N LEU C 270 -20.17 7.03 30.97
CA LEU C 270 -19.74 6.26 32.12
C LEU C 270 -18.23 6.15 32.08
N CYS C 271 -17.57 6.48 33.19
CA CYS C 271 -16.14 6.18 33.30
C CYS C 271 -15.70 6.33 34.75
N ASP C 272 -14.45 5.95 34.99
CA ASP C 272 -13.84 6.00 36.30
C ASP C 272 -13.24 7.38 36.59
N ASP C 273 -12.80 7.54 37.83
CA ASP C 273 -12.48 8.86 38.38
C ASP C 273 -11.27 9.47 37.69
N ASP C 274 -10.27 8.64 37.35
CA ASP C 274 -9.06 9.12 36.70
C ASP C 274 -9.34 9.82 35.37
N ILE C 275 -10.45 9.47 34.72
CA ILE C 275 -10.91 10.16 33.51
C ILE C 275 -11.97 11.22 33.85
N MET C 276 -12.99 10.85 34.59
CA MET C 276 -14.13 11.74 34.77
C MET C 276 -13.71 13.03 35.46
N LEU C 277 -12.82 12.94 36.44
CA LEU C 277 -12.56 14.12 37.26
C LEU C 277 -11.55 15.06 36.62
N THR C 278 -11.16 14.82 35.36
CA THR C 278 -10.39 15.81 34.61
C THR C 278 -11.22 17.05 34.30
N ILE C 279 -12.53 16.95 34.32
CA ILE C 279 -13.41 18.09 34.05
C ILE C 279 -13.82 18.68 35.41
N LYS C 280 -13.46 19.93 35.65
CA LYS C 280 -13.72 20.51 36.96
C LYS C 280 -14.98 21.36 36.92
N PRO C 281 -15.48 21.81 38.08
CA PRO C 281 -16.75 22.56 38.09
C PRO C 281 -16.72 23.76 37.15
N GLY C 282 -17.82 23.93 36.42
CA GLY C 282 -17.97 24.99 35.44
C GLY C 282 -17.39 24.72 34.07
N GLU C 283 -16.86 23.52 33.82
CA GLU C 283 -16.15 23.25 32.56
C GLU C 283 -16.96 22.41 31.59
N HIS C 284 -18.20 22.04 31.92
CA HIS C 284 -19.00 21.23 31.03
C HIS C 284 -20.39 21.11 31.62
N GLY C 285 -21.38 21.07 30.76
CA GLY C 285 -22.73 21.00 31.27
C GLY C 285 -23.74 21.00 30.14
N SER C 286 -25.01 21.06 30.56
CA SER C 286 -26.14 21.12 29.64
C SER C 286 -27.35 21.44 30.48
N THR C 287 -28.23 22.31 29.97
CA THR C 287 -29.35 22.75 30.79
C THR C 287 -30.17 21.57 31.31
N TYR C 288 -30.59 20.69 30.41
CA TYR C 288 -31.49 19.61 30.78
C TYR C 288 -30.79 18.34 31.21
N GLY C 289 -29.45 18.31 31.20
CA GLY C 289 -28.76 17.08 31.56
C GLY C 289 -28.93 16.78 33.03
N GLY C 290 -29.36 15.56 33.35
CA GLY C 290 -29.47 15.17 34.74
C GLY C 290 -30.72 15.64 35.45
N ASN C 291 -31.76 16.02 34.71
CA ASN C 291 -32.97 16.53 35.34
C ASN C 291 -33.75 15.39 36.01
N PRO C 292 -34.62 15.71 36.97
CA PRO C 292 -35.26 14.64 37.77
C PRO C 292 -36.27 13.81 36.99
N LEU C 293 -36.96 14.43 36.04
CA LEU C 293 -37.86 13.68 35.16
C LEU C 293 -37.10 12.61 34.38
N GLY C 294 -36.06 13.03 33.63
CA GLY C 294 -35.27 12.06 32.89
C GLY C 294 -34.66 10.96 33.75
N CYS C 295 -34.22 11.32 34.96
CA CYS C 295 -33.59 10.34 35.85
C CYS C 295 -34.58 9.29 36.32
N ARG C 296 -35.77 9.72 36.74
CA ARG C 296 -36.83 8.76 37.06
C ARG C 296 -37.10 7.84 35.87
N VAL C 297 -37.31 8.44 34.69
CA VAL C 297 -37.65 7.65 33.51
C VAL C 297 -36.56 6.63 33.20
N ALA C 298 -35.28 7.01 33.37
CA ALA C 298 -34.20 6.10 33.01
C ALA C 298 -34.04 4.99 34.02
N ILE C 299 -34.29 5.28 35.31
CA ILE C 299 -34.24 4.20 36.29
C ILE C 299 -35.31 3.16 35.97
N ALA C 300 -36.53 3.62 35.72
CA ALA C 300 -37.58 2.70 35.30
C ALA C 300 -37.19 1.94 34.04
N ALA C 301 -36.61 2.63 33.04
CA ALA C 301 -36.32 1.95 31.78
C ALA C 301 -35.26 0.88 31.96
N LEU C 302 -34.22 1.17 32.73
CA LEU C 302 -33.19 0.16 33.04
C LEU C 302 -33.80 -1.02 33.79
N GLU C 303 -34.73 -0.75 34.74
CA GLU C 303 -35.32 -1.85 35.51
C GLU C 303 -36.25 -2.70 34.65
N VAL C 304 -36.94 -2.09 33.70
CA VAL C 304 -37.73 -2.87 32.74
C VAL C 304 -36.82 -3.86 32.02
N LEU C 305 -35.72 -3.36 31.47
CA LEU C 305 -34.77 -4.24 30.78
C LEU C 305 -34.31 -5.38 31.70
N GLU C 306 -33.98 -5.08 32.95
CA GLU C 306 -33.45 -6.11 33.84
C GLU C 306 -34.52 -7.13 34.21
N GLU C 307 -35.67 -6.66 34.65
CA GLU C 307 -36.71 -7.55 35.16
C GLU C 307 -37.26 -8.45 34.07
N GLU C 308 -37.65 -7.87 32.93
CA GLU C 308 -38.26 -8.64 31.86
C GLU C 308 -37.26 -9.48 31.07
N ASN C 309 -35.98 -9.51 31.49
CA ASN C 309 -34.96 -10.37 30.89
C ASN C 309 -34.89 -10.22 29.37
N LEU C 310 -34.74 -8.96 28.92
CA LEU C 310 -34.81 -8.72 27.49
C LEU C 310 -33.52 -9.05 26.75
N ALA C 311 -32.36 -9.07 27.42
CA ALA C 311 -31.13 -9.47 26.74
C ALA C 311 -31.18 -10.95 26.35
N GLU C 312 -31.64 -11.82 27.27
CA GLU C 312 -31.80 -13.24 26.97
C GLU C 312 -32.75 -13.45 25.80
N ASN C 313 -33.90 -12.78 25.86
CA ASN C 313 -34.89 -12.87 24.79
C ASN C 313 -34.28 -12.43 23.47
N ALA C 314 -33.48 -11.38 23.49
CA ALA C 314 -32.94 -10.82 22.26
C ALA C 314 -31.96 -11.79 21.62
N ASP C 315 -31.02 -12.29 22.42
CA ASP C 315 -30.13 -13.35 21.96
C ASP C 315 -30.92 -14.46 21.25
N LYS C 316 -31.86 -15.10 21.95
CA LYS C 316 -32.50 -16.30 21.41
C LYS C 316 -33.32 -15.98 20.16
N LEU C 317 -34.14 -14.92 20.22
CA LEU C 317 -35.02 -14.65 19.11
C LEU C 317 -34.25 -14.13 17.89
N GLY C 318 -33.16 -13.37 18.09
CA GLY C 318 -32.31 -13.02 16.97
C GLY C 318 -31.66 -14.22 16.30
N ILE C 319 -31.28 -15.24 17.07
CA ILE C 319 -30.79 -16.47 16.43
C ILE C 319 -31.89 -17.08 15.56
N ILE C 320 -33.11 -17.12 16.08
CA ILE C 320 -34.23 -17.61 15.27
C ILE C 320 -34.38 -16.78 13.99
N LEU C 321 -34.31 -15.45 14.13
CA LEU C 321 -34.64 -14.58 13.01
C LEU C 321 -33.57 -14.65 11.92
N ARG C 322 -32.30 -14.59 12.28
CA ARG C 322 -31.25 -14.71 11.27
C ARG C 322 -31.33 -16.07 10.57
N ASN C 323 -31.69 -17.13 11.32
CA ASN C 323 -31.88 -18.44 10.70
C ASN C 323 -32.96 -18.39 9.63
N GLU C 324 -34.11 -17.78 9.95
CA GLU C 324 -35.17 -17.73 8.95
C GLU C 324 -34.84 -16.78 7.80
N LEU C 325 -34.06 -15.72 8.07
CA LEU C 325 -33.69 -14.76 7.02
C LEU C 325 -32.75 -15.37 5.99
N MET C 326 -31.87 -16.27 6.43
CA MET C 326 -30.95 -16.88 5.49
C MET C 326 -31.61 -17.91 4.60
N LYS C 327 -32.87 -18.25 4.84
CA LYS C 327 -33.62 -19.14 3.96
C LYS C 327 -34.17 -18.44 2.73
N LEU C 328 -34.01 -17.11 2.60
CA LEU C 328 -34.48 -16.36 1.45
C LEU C 328 -33.56 -16.57 0.24
N PRO C 329 -34.09 -16.43 -0.97
CA PRO C 329 -33.29 -16.74 -2.17
C PRO C 329 -32.05 -15.86 -2.25
N SER C 330 -30.91 -16.53 -2.50
CA SER C 330 -29.61 -15.88 -2.54
C SER C 330 -29.45 -14.86 -3.66
N ASP C 331 -30.38 -14.79 -4.60
CA ASP C 331 -30.29 -13.88 -5.73
C ASP C 331 -31.15 -12.62 -5.54
N VAL C 332 -31.79 -12.45 -4.39
CA VAL C 332 -32.42 -11.17 -4.04
C VAL C 332 -31.87 -10.66 -2.70
N VAL C 333 -31.43 -11.58 -1.84
CA VAL C 333 -30.83 -11.25 -0.55
C VAL C 333 -29.39 -11.72 -0.58
N THR C 334 -28.45 -10.77 -0.65
CA THR C 334 -27.05 -11.10 -0.83
C THR C 334 -26.29 -11.27 0.47
N ALA C 335 -26.86 -10.86 1.60
CA ALA C 335 -26.21 -10.95 2.90
C ALA C 335 -27.25 -10.81 4.01
N VAL C 336 -27.02 -11.54 5.10
CA VAL C 336 -27.78 -11.44 6.35
C VAL C 336 -26.78 -11.25 7.50
N ARG C 337 -27.03 -10.28 8.38
CA ARG C 337 -26.09 -10.10 9.48
C ARG C 337 -26.77 -9.50 10.69
N GLY C 338 -26.07 -9.53 11.81
CA GLY C 338 -26.59 -8.99 13.04
C GLY C 338 -26.24 -9.78 14.29
N LYS C 339 -26.61 -9.21 15.43
CA LYS C 339 -26.47 -9.86 16.73
C LYS C 339 -27.70 -9.55 17.55
N GLY C 340 -28.18 -10.54 18.30
CA GLY C 340 -29.44 -10.36 18.99
C GLY C 340 -30.50 -9.91 17.99
N LEU C 341 -31.22 -8.84 18.35
CA LEU C 341 -32.24 -8.25 17.49
C LEU C 341 -31.78 -6.94 16.87
N LEU C 342 -30.51 -6.85 16.54
CA LEU C 342 -30.02 -5.84 15.60
C LEU C 342 -29.59 -6.62 14.37
N ASN C 343 -30.43 -6.64 13.33
CA ASN C 343 -30.15 -7.46 12.16
C ASN C 343 -30.36 -6.64 10.91
N ALA C 344 -29.91 -7.18 9.79
CA ALA C 344 -30.00 -6.50 8.52
C ALA C 344 -29.92 -7.52 7.40
N ILE C 345 -30.58 -7.21 6.29
CA ILE C 345 -30.40 -7.94 5.05
C ILE C 345 -29.95 -6.96 3.98
N VAL C 346 -29.10 -7.44 3.07
CA VAL C 346 -28.68 -6.63 1.92
C VAL C 346 -29.46 -7.07 0.70
N ILE C 347 -29.98 -6.08 -0.05
CA ILE C 347 -30.87 -6.31 -1.19
C ILE C 347 -30.08 -6.13 -2.47
N LYS C 348 -30.13 -7.14 -3.35
CA LYS C 348 -29.58 -6.98 -4.70
C LYS C 348 -30.46 -5.98 -5.45
N GLU C 349 -29.99 -4.73 -5.51
CA GLU C 349 -30.78 -3.67 -6.13
C GLU C 349 -30.67 -3.76 -7.64
N THR C 350 -31.83 -3.83 -8.27
CA THR C 350 -31.96 -3.75 -9.72
C THR C 350 -32.60 -2.42 -10.07
N LYS C 351 -32.73 -2.16 -11.36
CA LYS C 351 -33.60 -1.08 -11.81
C LYS C 351 -35.04 -1.58 -11.99
N ASP C 352 -35.29 -2.77 -11.45
CA ASP C 352 -36.59 -3.39 -11.33
C ASP C 352 -37.20 -3.26 -9.94
N TRP C 353 -36.36 -3.15 -8.91
CA TRP C 353 -36.77 -3.08 -7.50
C TRP C 353 -35.54 -2.78 -6.65
N ASP C 354 -35.78 -2.27 -5.45
CA ASP C 354 -34.71 -1.91 -4.52
C ASP C 354 -35.25 -1.93 -3.10
N ALA C 355 -34.43 -1.49 -2.14
CA ALA C 355 -34.82 -1.61 -0.75
C ALA C 355 -36.00 -0.70 -0.42
N TRP C 356 -36.06 0.47 -1.03
CA TRP C 356 -37.17 1.38 -0.74
C TRP C 356 -38.50 0.73 -1.06
N LYS C 357 -38.64 0.18 -2.27
CA LYS C 357 -39.85 -0.54 -2.64
C LYS C 357 -40.13 -1.70 -1.70
N VAL C 358 -39.09 -2.41 -1.27
CA VAL C 358 -39.31 -3.51 -0.33
C VAL C 358 -39.96 -3.00 0.95
N CYS C 359 -39.43 -1.89 1.49
CA CYS C 359 -39.95 -1.35 2.75
C CYS C 359 -41.37 -0.81 2.60
N LEU C 360 -41.67 -0.24 1.43
CA LEU C 360 -43.04 0.18 1.15
C LEU C 360 -43.99 -1.03 1.12
N ARG C 361 -43.59 -2.11 0.46
CA ARG C 361 -44.51 -3.26 0.39
C ARG C 361 -44.61 -3.96 1.74
N LEU C 362 -43.55 -3.88 2.55
CA LEU C 362 -43.59 -4.43 3.90
C LEU C 362 -44.61 -3.71 4.75
N ARG C 363 -44.57 -2.36 4.76
CA ARG C 363 -45.64 -1.65 5.46
C ARG C 363 -47.01 -1.99 4.86
N ASP C 364 -47.09 -2.13 3.53
CA ASP C 364 -48.34 -2.60 2.91
C ASP C 364 -48.83 -3.90 3.56
N ASN C 365 -47.90 -4.71 4.02
CA ASN C 365 -48.25 -5.98 4.66
C ASN C 365 -48.21 -5.96 6.18
N GLY C 366 -47.94 -4.80 6.79
CA GLY C 366 -47.98 -4.65 8.23
C GLY C 366 -46.65 -4.75 8.97
N LEU C 367 -45.54 -4.33 8.38
CA LEU C 367 -44.26 -4.36 9.08
C LEU C 367 -43.50 -3.11 8.69
N LEU C 368 -43.04 -2.35 9.69
CA LEU C 368 -42.39 -1.06 9.47
C LEU C 368 -40.88 -1.21 9.53
N ALA C 369 -40.20 -0.77 8.46
CA ALA C 369 -38.77 -0.87 8.33
C ALA C 369 -38.29 0.17 7.32
N LYS C 370 -37.05 0.58 7.46
CA LYS C 370 -36.53 1.56 6.53
C LYS C 370 -35.16 1.13 6.04
N PRO C 371 -34.77 1.55 4.84
CA PRO C 371 -33.43 1.21 4.36
C PRO C 371 -32.37 2.19 4.87
N THR C 372 -31.12 1.76 4.74
CA THR C 372 -30.01 2.67 5.04
C THR C 372 -28.88 2.41 4.06
N HIS C 373 -28.17 3.49 3.69
CA HIS C 373 -27.14 3.48 2.65
C HIS C 373 -27.62 2.80 1.37
N GLY C 374 -28.91 2.96 1.05
CA GLY C 374 -29.46 2.49 -0.20
C GLY C 374 -30.10 1.11 -0.17
N ASP C 375 -29.29 0.07 0.03
CA ASP C 375 -29.71 -1.30 -0.24
C ASP C 375 -29.77 -2.17 1.00
N ILE C 376 -29.55 -1.63 2.19
CA ILE C 376 -29.58 -2.43 3.40
C ILE C 376 -30.90 -2.17 4.11
N ILE C 377 -31.59 -3.23 4.48
CA ILE C 377 -32.80 -3.09 5.29
C ILE C 377 -32.54 -3.67 6.66
N ARG C 378 -32.74 -2.84 7.66
CA ARG C 378 -32.51 -3.20 9.05
C ARG C 378 -33.76 -3.83 9.62
N PHE C 379 -33.57 -4.78 10.52
CA PHE C 379 -34.65 -5.45 11.23
C PHE C 379 -34.33 -5.37 12.71
N ALA C 380 -35.02 -4.44 13.38
CA ALA C 380 -34.80 -4.17 14.80
C ALA C 380 -36.13 -3.88 15.46
N PRO C 381 -36.84 -4.92 15.91
CA PRO C 381 -38.11 -4.71 16.63
C PRO C 381 -37.88 -4.56 18.12
N PRO C 382 -38.82 -4.00 18.87
CA PRO C 382 -38.65 -3.94 20.33
C PRO C 382 -38.39 -5.33 20.90
N LEU C 383 -37.63 -5.35 22.01
CA LEU C 383 -37.19 -6.61 22.59
C LEU C 383 -38.31 -7.38 23.29
N VAL C 384 -39.44 -6.71 23.58
CA VAL C 384 -40.55 -7.41 24.21
C VAL C 384 -41.31 -8.31 23.26
N ILE C 385 -40.92 -8.37 21.99
CA ILE C 385 -41.61 -9.24 21.04
C ILE C 385 -41.53 -10.68 21.51
N LYS C 386 -42.62 -11.42 21.34
CA LYS C 386 -42.67 -12.83 21.69
C LYS C 386 -42.41 -13.70 20.46
N GLU C 387 -42.13 -14.98 20.69
CA GLU C 387 -41.71 -15.87 19.61
C GLU C 387 -42.79 -15.98 18.54
N ASP C 388 -44.05 -16.10 18.95
CA ASP C 388 -45.14 -16.21 17.98
C ASP C 388 -45.21 -14.96 17.10
N GLU C 389 -45.07 -13.77 17.71
CA GLU C 389 -45.19 -12.58 16.89
C GLU C 389 -43.93 -12.36 16.06
N LEU C 390 -42.78 -12.80 16.58
CA LEU C 390 -41.57 -12.81 15.76
C LEU C 390 -41.77 -13.64 14.49
N ARG C 391 -42.36 -14.84 14.60
CA ARG C 391 -42.55 -15.61 13.37
C ARG C 391 -43.69 -15.08 12.51
N GLU C 392 -44.67 -14.40 13.10
CA GLU C 392 -45.66 -13.69 12.30
C GLU C 392 -44.99 -12.65 11.39
N SER C 393 -44.07 -11.87 11.96
CA SER C 393 -43.41 -10.87 11.13
C SER C 393 -42.40 -11.50 10.17
N ILE C 394 -41.80 -12.64 10.55
CA ILE C 394 -40.95 -13.36 9.60
C ILE C 394 -41.77 -13.78 8.39
N GLU C 395 -42.99 -14.25 8.64
CA GLU C 395 -43.88 -14.57 7.52
C GLU C 395 -44.16 -13.35 6.67
N ILE C 396 -44.36 -12.19 7.29
CA ILE C 396 -44.59 -10.97 6.50
C ILE C 396 -43.37 -10.66 5.61
N ILE C 397 -42.17 -10.78 6.18
CA ILE C 397 -40.96 -10.50 5.41
C ILE C 397 -40.81 -11.49 4.26
N ASN C 398 -41.13 -12.76 4.50
CA ASN C 398 -41.09 -13.77 3.45
C ASN C 398 -42.07 -13.43 2.32
N LYS C 399 -43.33 -13.17 2.68
CA LYS C 399 -44.34 -12.85 1.66
C LYS C 399 -43.91 -11.66 0.82
N THR C 400 -43.37 -10.63 1.47
CA THR C 400 -42.97 -9.42 0.77
C THR C 400 -41.78 -9.68 -0.15
N ILE C 401 -40.74 -10.35 0.37
CA ILE C 401 -39.53 -10.59 -0.41
C ILE C 401 -39.84 -11.46 -1.62
N LEU C 402 -40.56 -12.57 -1.41
CA LEU C 402 -40.93 -13.44 -2.51
C LEU C 402 -42.04 -12.85 -3.38
N SER C 403 -42.61 -11.71 -2.99
CA SER C 403 -43.60 -11.06 -3.84
C SER C 403 -42.97 -10.54 -5.14
N PHE C 404 -41.77 -9.98 -5.07
CA PHE C 404 -41.14 -9.37 -6.24
C PHE C 404 -40.65 -10.44 -7.23
C10 X8B D . 1.90 -4.61 -9.12
C11 X8B D . 2.39 -6.05 -8.80
C12 X8B D . 1.21 -6.96 -8.55
C13 X8B D . -0.05 -6.17 -8.86
C14 X8B D . 0.38 -4.70 -8.97
N15 X8B D . 3.57 -6.39 -8.59
C01 X8B D . 0.85 -0.26 -10.14
C03 X8B D . 2.93 0.16 -9.24
C04 X8B D . 3.21 -1.18 -9.22
C05 X8B D . 2.29 -2.13 -9.67
C06 X8B D . 1.07 -1.66 -10.16
C07 X8B D . -0.45 0.36 -10.64
C09 X8B D . 2.66 -3.64 -9.62
C16 X8B D . 4.57 -1.61 -8.70
C22 X8B D . -1.49 -6.67 -8.93
N02 X8B D . 1.76 0.58 -9.70
O08 X8B D . 0.12 -2.54 -10.66
O17 X8B D . 5.23 -2.07 -9.84
O19 X8B D . 7.22 -3.06 -10.90
O20 X8B D . 5.97 -4.43 -9.08
O21 X8B D . 7.42 -2.43 -8.66
O23 X8B D . -2.28 -6.06 -9.73
O24 X8B D . -1.91 -7.65 -8.23
P18 X8B D . 6.51 -3.05 -9.64
C01 X8H E . 25.31 -0.07 -3.23
C03 X8H E . 23.03 -0.05 -3.40
C04 X8H E . 23.09 0.64 -4.60
C05 X8H E . 24.33 1.02 -5.16
C06 X8H E . 25.46 0.61 -4.44
C07 X8H E . 26.57 -0.51 -2.40
C09 X8H E . 24.46 1.70 -6.51
C10 X8H E . 25.35 2.93 -6.88
C11 X8H E . 24.79 4.09 -7.53
C12 X8H E . 25.71 5.23 -7.57
C13 X8H E . 26.71 4.98 -6.43
C14 X8H E . 26.32 3.57 -5.77
C16 X8H E . 21.71 0.99 -5.27
C22 X8H E . 28.26 5.27 -6.59
N02 X8H E . 24.13 -0.39 -2.73
N15 X8H E . 23.97 3.95 -8.54
O08 X8H E . 26.75 0.89 -4.91
O17 X8H E . 21.59 0.02 -6.34
O19 X8H E . 21.01 1.68 -8.17
O20 X8H E . 20.47 -0.82 -8.61
O21 X8H E . 19.20 0.82 -7.01
O23 X8H E . 28.60 6.38 -7.11
O24 X8H E . 29.11 4.39 -6.18
P18 X8H E . 20.50 0.45 -7.60
C10 X8B F . -28.48 7.66 15.35
C11 X8B F . -29.77 8.15 14.69
C12 X8B F . -30.08 7.29 13.49
C13 X8B F . -28.97 6.29 13.35
C14 X8B F . -27.96 6.51 14.47
N15 X8B F . -30.33 9.24 14.94
C01 X8B F . -25.12 5.95 17.99
C03 X8B F . -24.89 8.20 18.48
C04 X8B F . -26.11 8.48 17.87
C05 X8B F . -26.85 7.46 17.29
C06 X8B F . -26.35 6.15 17.36
C07 X8B F . -24.55 4.52 18.06
C09 X8B F . -28.19 7.83 16.63
C16 X8B F . -26.64 9.91 17.81
C22 X8B F . -29.00 4.97 12.58
N02 X8B F . -24.43 6.95 18.52
O08 X8B F . -27.03 5.07 16.82
O17 X8B F . -27.65 9.91 18.78
O19 X8B F . -29.67 11.11 17.53
O20 X8B F . -29.52 10.93 20.11
O21 X8B F . -28.03 12.39 18.98
O23 X8B F . -29.37 4.97 11.39
O24 X8B F . -28.64 3.92 13.18
P18 X8B F . -28.76 11.14 18.85
#